data_2ZW0
# 
_entry.id   2ZW0 
# 
_audit_conform.dict_name       mmcif_pdbx.dic 
_audit_conform.dict_version    5.392 
_audit_conform.dict_location   http://mmcif.pdb.org/dictionaries/ascii/mmcif_pdbx.dic 
# 
loop_
_database_2.database_id 
_database_2.database_code 
_database_2.pdbx_database_accession 
_database_2.pdbx_DOI 
PDB   2ZW0         pdb_00002zw0 10.2210/pdb2zw0/pdb 
RCSB  RCSB028495   ?            ?                   
WWPDB D_1000028495 ?            ?                   
# 
loop_
_pdbx_audit_revision_history.ordinal 
_pdbx_audit_revision_history.data_content_type 
_pdbx_audit_revision_history.major_revision 
_pdbx_audit_revision_history.minor_revision 
_pdbx_audit_revision_history.revision_date 
1 'Structure model' 1 0 2009-03-03 
2 'Structure model' 1 1 2011-07-13 
3 'Structure model' 1 2 2014-03-05 
4 'Structure model' 1 3 2021-11-10 
5 'Structure model' 1 4 2024-05-29 
# 
_pdbx_audit_revision_details.ordinal             1 
_pdbx_audit_revision_details.revision_ordinal    1 
_pdbx_audit_revision_details.data_content_type   'Structure model' 
_pdbx_audit_revision_details.provider            repository 
_pdbx_audit_revision_details.type                'Initial release' 
_pdbx_audit_revision_details.description         ? 
_pdbx_audit_revision_details.details             ? 
# 
loop_
_pdbx_audit_revision_group.ordinal 
_pdbx_audit_revision_group.revision_ordinal 
_pdbx_audit_revision_group.data_content_type 
_pdbx_audit_revision_group.group 
1 2 'Structure model' 'Version format compliance' 
2 3 'Structure model' 'Database references'       
3 4 'Structure model' 'Database references'       
4 4 'Structure model' 'Derived calculations'      
5 5 'Structure model' 'Data collection'           
# 
loop_
_pdbx_audit_revision_category.ordinal 
_pdbx_audit_revision_category.revision_ordinal 
_pdbx_audit_revision_category.data_content_type 
_pdbx_audit_revision_category.category 
1 4 'Structure model' database_2         
2 4 'Structure model' struct_ref_seq_dif 
3 4 'Structure model' struct_site        
4 5 'Structure model' chem_comp_atom     
5 5 'Structure model' chem_comp_bond     
# 
loop_
_pdbx_audit_revision_item.ordinal 
_pdbx_audit_revision_item.revision_ordinal 
_pdbx_audit_revision_item.data_content_type 
_pdbx_audit_revision_item.item 
1 4 'Structure model' '_database_2.pdbx_DOI'                
2 4 'Structure model' '_database_2.pdbx_database_accession' 
3 4 'Structure model' '_struct_ref_seq_dif.details'         
4 4 'Structure model' '_struct_site.pdbx_auth_asym_id'      
5 4 'Structure model' '_struct_site.pdbx_auth_comp_id'      
6 4 'Structure model' '_struct_site.pdbx_auth_seq_id'       
# 
_pdbx_database_status.status_code                     REL 
_pdbx_database_status.entry_id                        2ZW0 
_pdbx_database_status.recvd_initial_deposition_date   2008-11-26 
_pdbx_database_status.deposit_site                    PDBJ 
_pdbx_database_status.process_site                    PDBJ 
_pdbx_database_status.status_code_sf                  REL 
_pdbx_database_status.status_code_mr                  ? 
_pdbx_database_status.SG_entry                        . 
_pdbx_database_status.status_code_cs                  ? 
_pdbx_database_status.pdb_format_compatible           Y 
_pdbx_database_status.status_code_nmr_data            ? 
_pdbx_database_status.methods_development_category    ? 
# 
_pdbx_database_related.db_name        PDB 
_pdbx_database_related.db_id          2ZW1 
_pdbx_database_related.details        . 
_pdbx_database_related.content_type   unspecified 
# 
loop_
_audit_author.name 
_audit_author.pdbx_ordinal 
'Watanabe, H.'  1 
'Matsumaru, H.' 2 
'Odahara, T.'   3 
'Suto, K.'      4 
'Honda, S.'     5 
# 
_citation.id                        primary 
_citation.title                     
'Optimizing pH response of affinity between protein G and IgG Fc: how electrostatic modulations affect protein-protein interactions.' 
_citation.journal_abbrev            J.Biol.Chem. 
_citation.journal_volume            284 
_citation.page_first                12373 
_citation.page_last                 12383 
_citation.year                      2009 
_citation.journal_id_ASTM           JBCHA3 
_citation.country                   US 
_citation.journal_id_ISSN           0021-9258 
_citation.journal_id_CSD            0071 
_citation.book_publisher            ? 
_citation.pdbx_database_id_PubMed   19269963 
_citation.pdbx_database_id_DOI      10.1074/jbc.M809236200 
# 
loop_
_citation_author.citation_id 
_citation_author.name 
_citation_author.ordinal 
_citation_author.identifier_ORCID 
primary 'Watanabe, H.'  1 ? 
primary 'Matsumaru, H.' 2 ? 
primary 'Ooishi, A.'    3 ? 
primary 'Feng, Y.'      4 ? 
primary 'Odahara, T.'   5 ? 
primary 'Suto, K.'      6 ? 
primary 'Honda, S.'     7 ? 
# 
loop_
_entity.id 
_entity.type 
_entity.src_method 
_entity.pdbx_description 
_entity.formula_weight 
_entity.pdbx_number_of_molecules 
_entity.pdbx_ec 
_entity.pdbx_mutation 
_entity.pdbx_fragment 
_entity.details 
1 polymer     man 'Protein LG'  6395.004 1  ? 'D36E, N37H, D47P, A48E' 'B1 domain' ? 
2 non-polymer syn 'SULFATE ION' 96.063   2  ? ?                        ?           ? 
3 water       nat water         18.015   90 ? ?                        ?           ? 
# 
_entity_name_com.entity_id   1 
_entity_name_com.name        'immunoglobulin binding protein' 
# 
_entity_poly.entity_id                      1 
_entity_poly.type                           'polypeptide(L)' 
_entity_poly.nstd_linkage                   no 
_entity_poly.nstd_monomer                   no 
_entity_poly.pdbx_seq_one_letter_code       MDTYKLILNGKTLKGETTTEAVDAATAEKVFKQYANEHGVDGEWTYDPETKTFTVTE 
_entity_poly.pdbx_seq_one_letter_code_can   MDTYKLILNGKTLKGETTTEAVDAATAEKVFKQYANEHGVDGEWTYDPETKTFTVTE 
_entity_poly.pdbx_strand_id                 A 
_entity_poly.pdbx_target_identifier         ? 
# 
loop_
_pdbx_entity_nonpoly.entity_id 
_pdbx_entity_nonpoly.name 
_pdbx_entity_nonpoly.comp_id 
2 'SULFATE ION' SO4 
3 water         HOH 
# 
loop_
_entity_poly_seq.entity_id 
_entity_poly_seq.num 
_entity_poly_seq.mon_id 
_entity_poly_seq.hetero 
1 1  MET n 
1 2  ASP n 
1 3  THR n 
1 4  TYR n 
1 5  LYS n 
1 6  LEU n 
1 7  ILE n 
1 8  LEU n 
1 9  ASN n 
1 10 GLY n 
1 11 LYS n 
1 12 THR n 
1 13 LEU n 
1 14 LYS n 
1 15 GLY n 
1 16 GLU n 
1 17 THR n 
1 18 THR n 
1 19 THR n 
1 20 GLU n 
1 21 ALA n 
1 22 VAL n 
1 23 ASP n 
1 24 ALA n 
1 25 ALA n 
1 26 THR n 
1 27 ALA n 
1 28 GLU n 
1 29 LYS n 
1 30 VAL n 
1 31 PHE n 
1 32 LYS n 
1 33 GLN n 
1 34 TYR n 
1 35 ALA n 
1 36 ASN n 
1 37 GLU n 
1 38 HIS n 
1 39 GLY n 
1 40 VAL n 
1 41 ASP n 
1 42 GLY n 
1 43 GLU n 
1 44 TRP n 
1 45 THR n 
1 46 TYR n 
1 47 ASP n 
1 48 PRO n 
1 49 GLU n 
1 50 THR n 
1 51 LYS n 
1 52 THR n 
1 53 PHE n 
1 54 THR n 
1 55 VAL n 
1 56 THR n 
1 57 GLU n 
# 
_entity_src_gen.entity_id                          1 
_entity_src_gen.pdbx_src_id                        1 
_entity_src_gen.pdbx_alt_source_flag               sample 
_entity_src_gen.pdbx_seq_type                      ? 
_entity_src_gen.pdbx_beg_seq_num                   ? 
_entity_src_gen.pdbx_end_seq_num                   ? 
_entity_src_gen.gene_src_common_name               ? 
_entity_src_gen.gene_src_genus                     ? 
_entity_src_gen.pdbx_gene_src_gene                 ? 
_entity_src_gen.gene_src_species                   ? 
_entity_src_gen.gene_src_strain                    ? 
_entity_src_gen.gene_src_tissue                    ? 
_entity_src_gen.gene_src_tissue_fraction           ? 
_entity_src_gen.gene_src_details                   ? 
_entity_src_gen.pdbx_gene_src_fragment             ? 
_entity_src_gen.pdbx_gene_src_scientific_name      'Finegoldia magna' 
_entity_src_gen.pdbx_gene_src_ncbi_taxonomy_id     1260 
_entity_src_gen.pdbx_gene_src_variant              ? 
_entity_src_gen.pdbx_gene_src_cell_line            ? 
_entity_src_gen.pdbx_gene_src_atcc                 ? 
_entity_src_gen.pdbx_gene_src_organ                ? 
_entity_src_gen.pdbx_gene_src_organelle            ? 
_entity_src_gen.pdbx_gene_src_cell                 ? 
_entity_src_gen.pdbx_gene_src_cellular_location    ? 
_entity_src_gen.host_org_common_name               ? 
_entity_src_gen.pdbx_host_org_scientific_name      'Escherichia coli' 
_entity_src_gen.pdbx_host_org_ncbi_taxonomy_id     562 
_entity_src_gen.host_org_genus                     ? 
_entity_src_gen.pdbx_host_org_gene                 ? 
_entity_src_gen.pdbx_host_org_organ                ? 
_entity_src_gen.host_org_species                   ? 
_entity_src_gen.pdbx_host_org_tissue               ? 
_entity_src_gen.pdbx_host_org_tissue_fraction      ? 
_entity_src_gen.pdbx_host_org_strain               'BL21(DE3)' 
_entity_src_gen.pdbx_host_org_variant              ? 
_entity_src_gen.pdbx_host_org_cell_line            ? 
_entity_src_gen.pdbx_host_org_atcc                 ? 
_entity_src_gen.pdbx_host_org_culture_collection   ? 
_entity_src_gen.pdbx_host_org_cell                 ? 
_entity_src_gen.pdbx_host_org_organelle            ? 
_entity_src_gen.pdbx_host_org_cellular_location    ? 
_entity_src_gen.pdbx_host_org_vector_type          PLASMID 
_entity_src_gen.pdbx_host_org_vector               ? 
_entity_src_gen.host_org_details                   ? 
_entity_src_gen.expression_system_id               ? 
_entity_src_gen.plasmid_name                       PET16B 
_entity_src_gen.plasmid_details                    ? 
_entity_src_gen.pdbx_description                   ? 
# 
loop_
_chem_comp.id 
_chem_comp.type 
_chem_comp.mon_nstd_flag 
_chem_comp.name 
_chem_comp.pdbx_synonyms 
_chem_comp.formula 
_chem_comp.formula_weight 
ALA 'L-peptide linking' y ALANINE         ? 'C3 H7 N O2'     89.093  
ASN 'L-peptide linking' y ASPARAGINE      ? 'C4 H8 N2 O3'    132.118 
ASP 'L-peptide linking' y 'ASPARTIC ACID' ? 'C4 H7 N O4'     133.103 
GLN 'L-peptide linking' y GLUTAMINE       ? 'C5 H10 N2 O3'   146.144 
GLU 'L-peptide linking' y 'GLUTAMIC ACID' ? 'C5 H9 N O4'     147.129 
GLY 'peptide linking'   y GLYCINE         ? 'C2 H5 N O2'     75.067  
HIS 'L-peptide linking' y HISTIDINE       ? 'C6 H10 N3 O2 1' 156.162 
HOH non-polymer         . WATER           ? 'H2 O'           18.015  
ILE 'L-peptide linking' y ISOLEUCINE      ? 'C6 H13 N O2'    131.173 
LEU 'L-peptide linking' y LEUCINE         ? 'C6 H13 N O2'    131.173 
LYS 'L-peptide linking' y LYSINE          ? 'C6 H15 N2 O2 1' 147.195 
MET 'L-peptide linking' y METHIONINE      ? 'C5 H11 N O2 S'  149.211 
PHE 'L-peptide linking' y PHENYLALANINE   ? 'C9 H11 N O2'    165.189 
PRO 'L-peptide linking' y PROLINE         ? 'C5 H9 N O2'     115.130 
SO4 non-polymer         . 'SULFATE ION'   ? 'O4 S -2'        96.063  
THR 'L-peptide linking' y THREONINE       ? 'C4 H9 N O3'     119.119 
TRP 'L-peptide linking' y TRYPTOPHAN      ? 'C11 H12 N2 O2'  204.225 
TYR 'L-peptide linking' y TYROSINE        ? 'C9 H11 N O3'    181.189 
VAL 'L-peptide linking' y VALINE          ? 'C5 H11 N O2'    117.146 
# 
loop_
_pdbx_poly_seq_scheme.asym_id 
_pdbx_poly_seq_scheme.entity_id 
_pdbx_poly_seq_scheme.seq_id 
_pdbx_poly_seq_scheme.mon_id 
_pdbx_poly_seq_scheme.ndb_seq_num 
_pdbx_poly_seq_scheme.pdb_seq_num 
_pdbx_poly_seq_scheme.auth_seq_num 
_pdbx_poly_seq_scheme.pdb_mon_id 
_pdbx_poly_seq_scheme.auth_mon_id 
_pdbx_poly_seq_scheme.pdb_strand_id 
_pdbx_poly_seq_scheme.pdb_ins_code 
_pdbx_poly_seq_scheme.hetero 
A 1 1  MET 1  0  0  MET MET A . n 
A 1 2  ASP 2  1  1  ASP ASP A . n 
A 1 3  THR 3  2  2  THR THR A . n 
A 1 4  TYR 4  3  3  TYR TYR A . n 
A 1 5  LYS 5  4  4  LYS LYS A . n 
A 1 6  LEU 6  5  5  LEU LEU A . n 
A 1 7  ILE 7  6  6  ILE ILE A . n 
A 1 8  LEU 8  7  7  LEU LEU A . n 
A 1 9  ASN 9  8  8  ASN ASN A . n 
A 1 10 GLY 10 9  9  GLY GLY A . n 
A 1 11 LYS 11 10 10 LYS LYS A . n 
A 1 12 THR 12 11 11 THR THR A . n 
A 1 13 LEU 13 12 12 LEU LEU A . n 
A 1 14 LYS 14 13 13 LYS LYS A . n 
A 1 15 GLY 15 14 14 GLY GLY A . n 
A 1 16 GLU 16 15 15 GLU GLU A . n 
A 1 17 THR 17 16 16 THR THR A . n 
A 1 18 THR 18 17 17 THR THR A . n 
A 1 19 THR 19 18 18 THR THR A . n 
A 1 20 GLU 20 19 19 GLU GLU A . n 
A 1 21 ALA 21 20 20 ALA ALA A . n 
A 1 22 VAL 22 21 21 VAL VAL A . n 
A 1 23 ASP 23 22 22 ASP ASP A . n 
A 1 24 ALA 24 23 23 ALA ALA A . n 
A 1 25 ALA 25 24 24 ALA ALA A . n 
A 1 26 THR 26 25 25 THR THR A . n 
A 1 27 ALA 27 26 26 ALA ALA A . n 
A 1 28 GLU 28 27 27 GLU GLU A . n 
A 1 29 LYS 29 28 28 LYS LYS A . n 
A 1 30 VAL 30 29 29 VAL VAL A . n 
A 1 31 PHE 31 30 30 PHE PHE A . n 
A 1 32 LYS 32 31 31 LYS LYS A . n 
A 1 33 GLN 33 32 32 GLN GLN A . n 
A 1 34 TYR 34 33 33 TYR TYR A . n 
A 1 35 ALA 35 34 34 ALA ALA A . n 
A 1 36 ASN 36 35 35 ASN ASN A . n 
A 1 37 GLU 37 36 36 GLU GLU A . n 
A 1 38 HIS 38 37 37 HIS HIS A . n 
A 1 39 GLY 39 38 38 GLY GLY A . n 
A 1 40 VAL 40 39 39 VAL VAL A . n 
A 1 41 ASP 41 40 40 ASP ASP A . n 
A 1 42 GLY 42 41 41 GLY GLY A . n 
A 1 43 GLU 43 42 42 GLU GLU A . n 
A 1 44 TRP 44 43 43 TRP TRP A . n 
A 1 45 THR 45 44 44 THR THR A . n 
A 1 46 TYR 46 45 45 TYR TYR A . n 
A 1 47 ASP 47 46 46 ASP ASP A . n 
A 1 48 PRO 48 47 47 PRO PRO A . n 
A 1 49 GLU 49 48 48 GLU GLU A . n 
A 1 50 THR 50 49 49 THR THR A . n 
A 1 51 LYS 51 50 50 LYS LYS A . n 
A 1 52 THR 52 51 51 THR THR A . n 
A 1 53 PHE 53 52 52 PHE PHE A . n 
A 1 54 THR 54 53 53 THR THR A . n 
A 1 55 VAL 55 54 54 VAL VAL A . n 
A 1 56 THR 56 55 55 THR THR A . n 
A 1 57 GLU 57 56 56 GLU GLU A . n 
# 
loop_
_pdbx_nonpoly_scheme.asym_id 
_pdbx_nonpoly_scheme.entity_id 
_pdbx_nonpoly_scheme.mon_id 
_pdbx_nonpoly_scheme.ndb_seq_num 
_pdbx_nonpoly_scheme.pdb_seq_num 
_pdbx_nonpoly_scheme.auth_seq_num 
_pdbx_nonpoly_scheme.pdb_mon_id 
_pdbx_nonpoly_scheme.auth_mon_id 
_pdbx_nonpoly_scheme.pdb_strand_id 
_pdbx_nonpoly_scheme.pdb_ins_code 
B 2 SO4 1  57  1  SO4 SO4 A . 
C 2 SO4 1  58  2  SO4 SO4 A . 
D 3 HOH 1  59  59 HOH HOH A . 
D 3 HOH 2  60  60 HOH HOH A . 
D 3 HOH 3  61  61 HOH HOH A . 
D 3 HOH 4  62  62 HOH HOH A . 
D 3 HOH 5  63  63 HOH HOH A . 
D 3 HOH 6  64  64 HOH HOH A . 
D 3 HOH 7  65  65 HOH HOH A . 
D 3 HOH 8  66  66 HOH HOH A . 
D 3 HOH 9  67  67 HOH HOH A . 
D 3 HOH 10 68  68 HOH HOH A . 
D 3 HOH 11 69  69 HOH HOH A . 
D 3 HOH 12 70  70 HOH HOH A . 
D 3 HOH 13 71  71 HOH HOH A . 
D 3 HOH 14 72  72 HOH HOH A . 
D 3 HOH 15 73  73 HOH HOH A . 
D 3 HOH 16 74  74 HOH HOH A . 
D 3 HOH 17 75  75 HOH HOH A . 
D 3 HOH 18 76  76 HOH HOH A . 
D 3 HOH 19 77  77 HOH HOH A . 
D 3 HOH 20 78  78 HOH HOH A . 
D 3 HOH 21 79  79 HOH HOH A . 
D 3 HOH 22 80  80 HOH HOH A . 
D 3 HOH 23 81  81 HOH HOH A . 
D 3 HOH 24 82  82 HOH HOH A . 
D 3 HOH 25 83  83 HOH HOH A . 
D 3 HOH 26 84  84 HOH HOH A . 
D 3 HOH 27 85  85 HOH HOH A . 
D 3 HOH 28 86  86 HOH HOH A . 
D 3 HOH 29 87  87 HOH HOH A . 
D 3 HOH 30 88  88 HOH HOH A . 
D 3 HOH 31 89  89 HOH HOH A . 
D 3 HOH 32 90  90 HOH HOH A . 
D 3 HOH 33 91  1  HOH HOH A . 
D 3 HOH 34 92  2  HOH HOH A . 
D 3 HOH 35 93  3  HOH HOH A . 
D 3 HOH 36 94  4  HOH HOH A . 
D 3 HOH 37 95  5  HOH HOH A . 
D 3 HOH 38 96  6  HOH HOH A . 
D 3 HOH 39 97  7  HOH HOH A . 
D 3 HOH 40 98  8  HOH HOH A . 
D 3 HOH 41 99  9  HOH HOH A . 
D 3 HOH 42 100 10 HOH HOH A . 
D 3 HOH 43 101 11 HOH HOH A . 
D 3 HOH 44 102 12 HOH HOH A . 
D 3 HOH 45 103 13 HOH HOH A . 
D 3 HOH 46 104 14 HOH HOH A . 
D 3 HOH 47 105 15 HOH HOH A . 
D 3 HOH 48 106 16 HOH HOH A . 
D 3 HOH 49 107 17 HOH HOH A . 
D 3 HOH 50 108 18 HOH HOH A . 
D 3 HOH 51 109 19 HOH HOH A . 
D 3 HOH 52 110 20 HOH HOH A . 
D 3 HOH 53 111 21 HOH HOH A . 
D 3 HOH 54 112 22 HOH HOH A . 
D 3 HOH 55 113 23 HOH HOH A . 
D 3 HOH 56 114 24 HOH HOH A . 
D 3 HOH 57 115 25 HOH HOH A . 
D 3 HOH 58 116 26 HOH HOH A . 
D 3 HOH 59 117 27 HOH HOH A . 
D 3 HOH 60 118 28 HOH HOH A . 
D 3 HOH 61 119 29 HOH HOH A . 
D 3 HOH 62 120 30 HOH HOH A . 
D 3 HOH 63 121 31 HOH HOH A . 
D 3 HOH 64 122 32 HOH HOH A . 
D 3 HOH 65 123 33 HOH HOH A . 
D 3 HOH 66 124 34 HOH HOH A . 
D 3 HOH 67 125 35 HOH HOH A . 
D 3 HOH 68 126 36 HOH HOH A . 
D 3 HOH 69 127 37 HOH HOH A . 
D 3 HOH 70 128 38 HOH HOH A . 
D 3 HOH 71 129 39 HOH HOH A . 
D 3 HOH 72 130 40 HOH HOH A . 
D 3 HOH 73 131 41 HOH HOH A . 
D 3 HOH 74 132 42 HOH HOH A . 
D 3 HOH 75 133 43 HOH HOH A . 
D 3 HOH 76 134 44 HOH HOH A . 
D 3 HOH 77 135 45 HOH HOH A . 
D 3 HOH 78 136 46 HOH HOH A . 
D 3 HOH 79 137 47 HOH HOH A . 
D 3 HOH 80 138 48 HOH HOH A . 
D 3 HOH 81 139 49 HOH HOH A . 
D 3 HOH 82 140 50 HOH HOH A . 
D 3 HOH 83 141 51 HOH HOH A . 
D 3 HOH 84 142 52 HOH HOH A . 
D 3 HOH 85 143 53 HOH HOH A . 
D 3 HOH 86 144 54 HOH HOH A . 
D 3 HOH 87 145 55 HOH HOH A . 
D 3 HOH 88 146 56 HOH HOH A . 
D 3 HOH 89 147 57 HOH HOH A . 
D 3 HOH 90 148 58 HOH HOH A . 
# 
loop_
_software.name 
_software.classification 
_software.version 
_software.citation_id 
_software.pdbx_ordinal 
REFMAC   refinement        5.2.0019 ? 1 
HKL-2000 'data collection' .        ? 2 
HKL-2000 'data reduction'  .        ? 3 
HKL-2000 'data scaling'    .        ? 4 
MOLREP   phasing           .        ? 5 
# 
_cell.entry_id           2ZW0 
_cell.length_a           25.764 
_cell.length_b           36.360 
_cell.length_c           93.688 
_cell.angle_alpha        90.00 
_cell.angle_beta         90.00 
_cell.angle_gamma        90.00 
_cell.Z_PDB              8 
_cell.pdbx_unique_axis   ? 
_cell.length_a_esd       ? 
_cell.length_b_esd       ? 
_cell.length_c_esd       ? 
_cell.angle_alpha_esd    ? 
_cell.angle_beta_esd     ? 
_cell.angle_gamma_esd    ? 
# 
_symmetry.entry_id                         2ZW0 
_symmetry.space_group_name_H-M             'C 2 2 21' 
_symmetry.pdbx_full_space_group_name_H-M   ? 
_symmetry.cell_setting                     ? 
_symmetry.Int_Tables_number                20 
_symmetry.space_group_name_Hall            ? 
# 
_exptl.entry_id          2ZW0 
_exptl.method            'X-RAY DIFFRACTION' 
_exptl.crystals_number   1 
# 
_exptl_crystal.id                    1 
_exptl_crystal.density_meas          ? 
_exptl_crystal.density_Matthews      1.72 
_exptl_crystal.density_percent_sol   28.30 
_exptl_crystal.description           ? 
_exptl_crystal.F_000                 ? 
_exptl_crystal.preparation           ? 
# 
_diffrn.id                     1 
_diffrn.ambient_temp           ? 
_diffrn.ambient_temp_details   ? 
_diffrn.crystal_id             1 
# 
_diffrn_detector.diffrn_id              1 
_diffrn_detector.detector               CCD 
_diffrn_detector.type                   'ADSC QUANTUM 270' 
_diffrn_detector.pdbx_collection_date   2007-05-24 
_diffrn_detector.details                ? 
# 
_diffrn_radiation.diffrn_id                        1 
_diffrn_radiation.wavelength_id                    1 
_diffrn_radiation.pdbx_monochromatic_or_laue_m_l   M 
_diffrn_radiation.monochromator                    ? 
_diffrn_radiation.pdbx_diffrn_protocol             'SINGLE WAVELENGTH' 
_diffrn_radiation.pdbx_scattering_type             x-ray 
# 
_diffrn_radiation_wavelength.id           1 
_diffrn_radiation_wavelength.wavelength   1.000 
_diffrn_radiation_wavelength.wt           1.0 
# 
_diffrn_source.diffrn_id                   1 
_diffrn_source.source                      SYNCHROTRON 
_diffrn_source.type                        'PHOTON FACTORY BEAMLINE BL-17A' 
_diffrn_source.pdbx_synchrotron_site       'Photon Factory' 
_diffrn_source.pdbx_synchrotron_beamline   BL-17A 
_diffrn_source.pdbx_wavelength             ? 
_diffrn_source.pdbx_wavelength_list        1.000 
# 
_reflns.entry_id                     2ZW0 
_reflns.observed_criterion_sigma_F   ? 
_reflns.observed_criterion_sigma_I   ? 
_reflns.d_resolution_high            1.40 
_reflns.d_resolution_low             50 
_reflns.number_all                   ? 
_reflns.number_obs                   9052 
_reflns.percent_possible_obs         ? 
_reflns.pdbx_Rmerge_I_obs            ? 
_reflns.pdbx_Rsym_value              ? 
_reflns.pdbx_netI_over_sigmaI        ? 
_reflns.B_iso_Wilson_estimate        11.346 
_reflns.pdbx_redundancy              6.5 
_reflns.R_free_details               ? 
_reflns.limit_h_max                  ? 
_reflns.limit_h_min                  ? 
_reflns.limit_k_max                  ? 
_reflns.limit_k_min                  ? 
_reflns.limit_l_max                  ? 
_reflns.limit_l_min                  ? 
_reflns.observed_criterion_F_max     ? 
_reflns.observed_criterion_F_min     ? 
_reflns.pdbx_chi_squared             ? 
_reflns.pdbx_scaling_rejects         ? 
_reflns.pdbx_ordinal                 1 
_reflns.pdbx_diffrn_id               1 
# 
_refine.entry_id                                 2ZW0 
_refine.ls_number_reflns_obs                     8574 
_refine.ls_number_reflns_all                     ? 
_refine.pdbx_ls_sigma_I                          ? 
_refine.pdbx_ls_sigma_F                          ? 
_refine.pdbx_data_cutoff_high_absF               ? 
_refine.pdbx_data_cutoff_low_absF                ? 
_refine.pdbx_data_cutoff_high_rms_absF           ? 
_refine.ls_d_res_low                             20.00 
_refine.ls_d_res_high                            1.40 
_refine.ls_percent_reflns_obs                    99.82 
_refine.ls_R_factor_obs                          0.17865 
_refine.ls_R_factor_all                          ? 
_refine.ls_R_factor_R_work                       0.1765 
_refine.ls_R_factor_R_free                       0.2235 
_refine.ls_R_factor_R_free_error                 ? 
_refine.ls_R_factor_R_free_error_details         ? 
_refine.ls_percent_reflns_R_free                 4.8 
_refine.ls_number_reflns_R_free                  430 
_refine.ls_number_parameters                     ? 
_refine.ls_number_restraints                     ? 
_refine.occupancy_min                            ? 
_refine.occupancy_max                            ? 
_refine.correlation_coeff_Fo_to_Fc               0.959 
_refine.correlation_coeff_Fo_to_Fc_free          0.948 
_refine.B_iso_mean                               12.012 
_refine.aniso_B[1][1]                            1.10 
_refine.aniso_B[2][2]                            -0.25 
_refine.aniso_B[3][3]                            -0.85 
_refine.aniso_B[1][2]                            0.00 
_refine.aniso_B[1][3]                            0.00 
_refine.aniso_B[2][3]                            0.00 
_refine.solvent_model_details                    MASK 
_refine.solvent_model_param_ksol                 ? 
_refine.solvent_model_param_bsol                 ? 
_refine.pdbx_solvent_vdw_probe_radii             1.20 
_refine.pdbx_solvent_ion_probe_radii             0.80 
_refine.pdbx_solvent_shrinkage_radii             0.80 
_refine.pdbx_ls_cross_valid_method               THROUGHOUT 
_refine.details                                  'HYDROGENS HAVE BEEN ADDED IN THE RIDING POSITIONS' 
_refine.pdbx_starting_model                      ? 
_refine.pdbx_method_to_determine_struct          'MOLECULAR REPLACEMENT' 
_refine.pdbx_isotropic_thermal_model             ? 
_refine.pdbx_stereochemistry_target_values       'MAXIMUM LIKELIHOOD' 
_refine.pdbx_stereochem_target_val_spec_case     ? 
_refine.pdbx_R_Free_selection_details            RANDOM 
_refine.pdbx_overall_ESU_R                       0.074 
_refine.pdbx_overall_ESU_R_Free                  0.081 
_refine.overall_SU_ML                            0.045 
_refine.overall_SU_B                             1.100 
_refine.ls_redundancy_reflns_obs                 ? 
_refine.B_iso_min                                ? 
_refine.B_iso_max                                ? 
_refine.overall_SU_R_Cruickshank_DPI             ? 
_refine.overall_SU_R_free                        ? 
_refine.ls_wR_factor_R_free                      ? 
_refine.ls_wR_factor_R_work                      ? 
_refine.overall_FOM_free_R_set                   ? 
_refine.overall_FOM_work_R_set                   ? 
_refine.pdbx_refine_id                           'X-RAY DIFFRACTION' 
_refine.pdbx_overall_phase_error                 ? 
_refine.pdbx_diffrn_id                           1 
_refine.pdbx_TLS_residual_ADP_flag               ? 
_refine.pdbx_overall_SU_R_free_Cruickshank_DPI   ? 
_refine.pdbx_overall_SU_R_Blow_DPI               ? 
_refine.pdbx_overall_SU_R_free_Blow_DPI          ? 
# 
_refine_hist.pdbx_refine_id                   'X-RAY DIFFRACTION' 
_refine_hist.cycle_id                         LAST 
_refine_hist.pdbx_number_atoms_protein        450 
_refine_hist.pdbx_number_atoms_nucleic_acid   0 
_refine_hist.pdbx_number_atoms_ligand         10 
_refine_hist.number_atoms_solvent             90 
_refine_hist.number_atoms_total               550 
_refine_hist.d_res_high                       1.40 
_refine_hist.d_res_low                        20.00 
# 
loop_
_refine_ls_restr.type 
_refine_ls_restr.dev_ideal 
_refine_ls_restr.dev_ideal_target 
_refine_ls_restr.weight 
_refine_ls_restr.number 
_refine_ls_restr.pdbx_refine_id 
_refine_ls_restr.pdbx_restraint_function 
r_bond_refined_d             0.009  0.022  ? 466 'X-RAY DIFFRACTION' ? 
r_bond_other_d               ?      ?      ? ?   'X-RAY DIFFRACTION' ? 
r_angle_refined_deg          1.216  1.968  ? 634 'X-RAY DIFFRACTION' ? 
r_angle_other_deg            ?      ?      ? ?   'X-RAY DIFFRACTION' ? 
r_dihedral_angle_1_deg       4.709  5.000  ? 56  'X-RAY DIFFRACTION' ? 
r_dihedral_angle_2_deg       33.660 26.667 ? 21  'X-RAY DIFFRACTION' ? 
r_dihedral_angle_3_deg       11.628 15.000 ? 79  'X-RAY DIFFRACTION' ? 
r_dihedral_angle_4_deg       ?      ?      ? ?   'X-RAY DIFFRACTION' ? 
r_chiral_restr               0.061  0.200  ? 72  'X-RAY DIFFRACTION' ? 
r_gen_planes_refined         0.007  0.020  ? 342 'X-RAY DIFFRACTION' ? 
r_gen_planes_other           ?      ?      ? ?   'X-RAY DIFFRACTION' ? 
r_nbd_refined                0.201  0.200  ? 191 'X-RAY DIFFRACTION' ? 
r_nbd_other                  ?      ?      ? ?   'X-RAY DIFFRACTION' ? 
r_nbtor_refined              0.305  0.200  ? 318 'X-RAY DIFFRACTION' ? 
r_nbtor_other                ?      ?      ? ?   'X-RAY DIFFRACTION' ? 
r_xyhbond_nbd_refined        0.126  0.200  ? 58  'X-RAY DIFFRACTION' ? 
r_xyhbond_nbd_other          ?      ?      ? ?   'X-RAY DIFFRACTION' ? 
r_metal_ion_refined          ?      ?      ? ?   'X-RAY DIFFRACTION' ? 
r_metal_ion_other            ?      ?      ? ?   'X-RAY DIFFRACTION' ? 
r_symmetry_vdw_refined       0.773  0.200  ? 55  'X-RAY DIFFRACTION' ? 
r_symmetry_vdw_other         ?      ?      ? ?   'X-RAY DIFFRACTION' ? 
r_symmetry_hbond_refined     0.094  0.200  ? 31  'X-RAY DIFFRACTION' ? 
r_symmetry_hbond_other       ?      ?      ? ?   'X-RAY DIFFRACTION' ? 
r_symmetry_metal_ion_refined ?      ?      ? ?   'X-RAY DIFFRACTION' ? 
r_symmetry_metal_ion_other   ?      ?      ? ?   'X-RAY DIFFRACTION' ? 
r_mcbond_it                  0.826  1.500  ? 286 'X-RAY DIFFRACTION' ? 
r_mcbond_other               ?      ?      ? ?   'X-RAY DIFFRACTION' ? 
r_mcangle_it                 1.256  2.000  ? 457 'X-RAY DIFFRACTION' ? 
r_scbond_it                  2.114  3.000  ? 203 'X-RAY DIFFRACTION' ? 
r_scangle_it                 3.101  4.500  ? 177 'X-RAY DIFFRACTION' ? 
r_rigid_bond_restr           ?      ?      ? ?   'X-RAY DIFFRACTION' ? 
r_sphericity_free            ?      ?      ? ?   'X-RAY DIFFRACTION' ? 
r_sphericity_bonded          ?      ?      ? ?   'X-RAY DIFFRACTION' ? 
# 
_refine_ls_shell.pdbx_total_number_of_bins_used   20 
_refine_ls_shell.d_res_high                       1.400 
_refine_ls_shell.d_res_low                        1.436 
_refine_ls_shell.number_reflns_R_work             604 
_refine_ls_shell.R_factor_R_work                  0.21 
_refine_ls_shell.percent_reflns_obs               100.00 
_refine_ls_shell.R_factor_R_free                  0.301 
_refine_ls_shell.R_factor_R_free_error            ? 
_refine_ls_shell.percent_reflns_R_free            ? 
_refine_ls_shell.number_reflns_R_free             35 
_refine_ls_shell.number_reflns_all                ? 
_refine_ls_shell.R_factor_all                     ? 
_refine_ls_shell.number_reflns_obs                ? 
_refine_ls_shell.redundancy_reflns_obs            ? 
_refine_ls_shell.pdbx_refine_id                   'X-RAY DIFFRACTION' 
# 
_struct.entry_id                  2ZW0 
_struct.title                     'Crystal structure of a Streptococcal protein G B1 mutant' 
_struct.pdbx_model_details        ? 
_struct.pdbx_CASP_flag            ? 
_struct.pdbx_model_type_details   ? 
# 
_struct_keywords.entry_id        2ZW0 
_struct_keywords.pdbx_keywords   'IMMUNE SYSTEM' 
_struct_keywords.text            'IMMUNOGLOBULIN BINDING DOMAIN, PH-DEPENDENT LIGAND BINDING, IMMUNE SYSTEM' 
# 
loop_
_struct_asym.id 
_struct_asym.pdbx_blank_PDB_chainid_flag 
_struct_asym.pdbx_modified 
_struct_asym.entity_id 
_struct_asym.details 
A N N 1 ? 
B N N 2 ? 
C N N 2 ? 
D N N 3 ? 
# 
_struct_ref.id                         1 
_struct_ref.db_name                    UNP 
_struct_ref.db_code                    Q53291_PEPMA 
_struct_ref.pdbx_db_accession          Q53291 
_struct_ref.entity_id                  1 
_struct_ref.pdbx_seq_one_letter_code   MDTYKLILNGKTLKGETTTEAVDAATAEKVFKQYANDNGVDGEWTYDDATKTFTVTE 
_struct_ref.pdbx_align_begin           328 
_struct_ref.pdbx_db_isoform            ? 
# 
_struct_ref_seq.align_id                      1 
_struct_ref_seq.ref_id                        1 
_struct_ref_seq.pdbx_PDB_id_code              2ZW0 
_struct_ref_seq.pdbx_strand_id                A 
_struct_ref_seq.seq_align_beg                 1 
_struct_ref_seq.pdbx_seq_align_beg_ins_code   ? 
_struct_ref_seq.seq_align_end                 57 
_struct_ref_seq.pdbx_seq_align_end_ins_code   ? 
_struct_ref_seq.pdbx_db_accession             Q53291 
_struct_ref_seq.db_align_beg                  328 
_struct_ref_seq.pdbx_db_align_beg_ins_code    ? 
_struct_ref_seq.db_align_end                  384 
_struct_ref_seq.pdbx_db_align_end_ins_code    ? 
_struct_ref_seq.pdbx_auth_seq_align_beg       0 
_struct_ref_seq.pdbx_auth_seq_align_end       56 
# 
loop_
_struct_ref_seq_dif.align_id 
_struct_ref_seq_dif.pdbx_pdb_id_code 
_struct_ref_seq_dif.mon_id 
_struct_ref_seq_dif.pdbx_pdb_strand_id 
_struct_ref_seq_dif.seq_num 
_struct_ref_seq_dif.pdbx_pdb_ins_code 
_struct_ref_seq_dif.pdbx_seq_db_name 
_struct_ref_seq_dif.pdbx_seq_db_accession_code 
_struct_ref_seq_dif.db_mon_id 
_struct_ref_seq_dif.pdbx_seq_db_seq_num 
_struct_ref_seq_dif.details 
_struct_ref_seq_dif.pdbx_auth_seq_num 
_struct_ref_seq_dif.pdbx_ordinal 
1 2ZW0 GLU A 37 ? UNP Q53291 ASP 364 'engineered mutation' 36 1 
1 2ZW0 HIS A 38 ? UNP Q53291 ASN 365 'engineered mutation' 37 2 
1 2ZW0 PRO A 48 ? UNP Q53291 ASP 375 'engineered mutation' 47 3 
1 2ZW0 GLU A 49 ? UNP Q53291 ALA 376 'engineered mutation' 48 4 
# 
_pdbx_struct_assembly.id                   1 
_pdbx_struct_assembly.details              author_and_software_defined_assembly 
_pdbx_struct_assembly.method_details       PISA 
_pdbx_struct_assembly.oligomeric_details   monomeric 
_pdbx_struct_assembly.oligomeric_count     1 
# 
_pdbx_struct_assembly_gen.assembly_id       1 
_pdbx_struct_assembly_gen.oper_expression   1 
_pdbx_struct_assembly_gen.asym_id_list      A,B,C,D 
# 
_pdbx_struct_oper_list.id                   1 
_pdbx_struct_oper_list.type                 'identity operation' 
_pdbx_struct_oper_list.name                 1_555 
_pdbx_struct_oper_list.symmetry_operation   x,y,z 
_pdbx_struct_oper_list.matrix[1][1]         1.0000000000 
_pdbx_struct_oper_list.matrix[1][2]         0.0000000000 
_pdbx_struct_oper_list.matrix[1][3]         0.0000000000 
_pdbx_struct_oper_list.vector[1]            0.0000000000 
_pdbx_struct_oper_list.matrix[2][1]         0.0000000000 
_pdbx_struct_oper_list.matrix[2][2]         1.0000000000 
_pdbx_struct_oper_list.matrix[2][3]         0.0000000000 
_pdbx_struct_oper_list.vector[2]            0.0000000000 
_pdbx_struct_oper_list.matrix[3][1]         0.0000000000 
_pdbx_struct_oper_list.matrix[3][2]         0.0000000000 
_pdbx_struct_oper_list.matrix[3][3]         1.0000000000 
_pdbx_struct_oper_list.vector[3]            0.0000000000 
# 
_struct_biol.id        1 
_struct_biol.details   ? 
# 
_struct_conf.conf_type_id            HELX_P 
_struct_conf.id                      HELX_P1 
_struct_conf.pdbx_PDB_helix_id       1 
_struct_conf.beg_label_comp_id       ASP 
_struct_conf.beg_label_asym_id       A 
_struct_conf.beg_label_seq_id        23 
_struct_conf.pdbx_beg_PDB_ins_code   ? 
_struct_conf.end_label_comp_id       HIS 
_struct_conf.end_label_asym_id       A 
_struct_conf.end_label_seq_id        38 
_struct_conf.pdbx_end_PDB_ins_code   ? 
_struct_conf.beg_auth_comp_id        ASP 
_struct_conf.beg_auth_asym_id        A 
_struct_conf.beg_auth_seq_id         22 
_struct_conf.end_auth_comp_id        HIS 
_struct_conf.end_auth_asym_id        A 
_struct_conf.end_auth_seq_id         37 
_struct_conf.pdbx_PDB_helix_class    1 
_struct_conf.details                 ? 
_struct_conf.pdbx_PDB_helix_length   16 
# 
_struct_conf_type.id          HELX_P 
_struct_conf_type.criteria    ? 
_struct_conf_type.reference   ? 
# 
_struct_sheet.id               A 
_struct_sheet.type             ? 
_struct_sheet.number_strands   4 
_struct_sheet.details          ? 
# 
loop_
_struct_sheet_order.sheet_id 
_struct_sheet_order.range_id_1 
_struct_sheet_order.range_id_2 
_struct_sheet_order.offset 
_struct_sheet_order.sense 
A 1 2 ? anti-parallel 
A 2 3 ? parallel      
A 3 4 ? anti-parallel 
# 
loop_
_struct_sheet_range.sheet_id 
_struct_sheet_range.id 
_struct_sheet_range.beg_label_comp_id 
_struct_sheet_range.beg_label_asym_id 
_struct_sheet_range.beg_label_seq_id 
_struct_sheet_range.pdbx_beg_PDB_ins_code 
_struct_sheet_range.end_label_comp_id 
_struct_sheet_range.end_label_asym_id 
_struct_sheet_range.end_label_seq_id 
_struct_sheet_range.pdbx_end_PDB_ins_code 
_struct_sheet_range.beg_auth_comp_id 
_struct_sheet_range.beg_auth_asym_id 
_struct_sheet_range.beg_auth_seq_id 
_struct_sheet_range.end_auth_comp_id 
_struct_sheet_range.end_auth_asym_id 
_struct_sheet_range.end_auth_seq_id 
A 1 LYS A 14 ? ALA A 21 ? LYS A 13 ALA A 20 
A 2 ASP A 2  ? ASN A 9  ? ASP A 1  ASN A 8  
A 3 THR A 52 ? THR A 56 ? THR A 51 THR A 55 
A 4 GLU A 43 ? ASP A 47 ? GLU A 42 ASP A 46 
# 
loop_
_pdbx_struct_sheet_hbond.sheet_id 
_pdbx_struct_sheet_hbond.range_id_1 
_pdbx_struct_sheet_hbond.range_id_2 
_pdbx_struct_sheet_hbond.range_1_label_atom_id 
_pdbx_struct_sheet_hbond.range_1_label_comp_id 
_pdbx_struct_sheet_hbond.range_1_label_asym_id 
_pdbx_struct_sheet_hbond.range_1_label_seq_id 
_pdbx_struct_sheet_hbond.range_1_PDB_ins_code 
_pdbx_struct_sheet_hbond.range_1_auth_atom_id 
_pdbx_struct_sheet_hbond.range_1_auth_comp_id 
_pdbx_struct_sheet_hbond.range_1_auth_asym_id 
_pdbx_struct_sheet_hbond.range_1_auth_seq_id 
_pdbx_struct_sheet_hbond.range_2_label_atom_id 
_pdbx_struct_sheet_hbond.range_2_label_comp_id 
_pdbx_struct_sheet_hbond.range_2_label_asym_id 
_pdbx_struct_sheet_hbond.range_2_label_seq_id 
_pdbx_struct_sheet_hbond.range_2_PDB_ins_code 
_pdbx_struct_sheet_hbond.range_2_auth_atom_id 
_pdbx_struct_sheet_hbond.range_2_auth_comp_id 
_pdbx_struct_sheet_hbond.range_2_auth_asym_id 
_pdbx_struct_sheet_hbond.range_2_auth_seq_id 
A 1 2 O GLY A 15 ? O GLY A 14 N LEU A 8  ? N LEU A 7  
A 2 3 N LYS A 5  ? N LYS A 4  O PHE A 53 ? O PHE A 52 
A 3 4 O THR A 54 ? O THR A 53 N THR A 45 ? N THR A 44 
# 
loop_
_struct_site.id 
_struct_site.pdbx_evidence_code 
_struct_site.pdbx_auth_asym_id 
_struct_site.pdbx_auth_comp_id 
_struct_site.pdbx_auth_seq_id 
_struct_site.pdbx_auth_ins_code 
_struct_site.pdbx_num_residues 
_struct_site.details 
AC1 Software A SO4 57 ? 9 'BINDING SITE FOR RESIDUE SO4 A 57' 
AC2 Software A SO4 58 ? 5 'BINDING SITE FOR RESIDUE SO4 A 58' 
# 
loop_
_struct_site_gen.id 
_struct_site_gen.site_id 
_struct_site_gen.pdbx_num_res 
_struct_site_gen.label_comp_id 
_struct_site_gen.label_asym_id 
_struct_site_gen.label_seq_id 
_struct_site_gen.pdbx_auth_ins_code 
_struct_site_gen.auth_comp_id 
_struct_site_gen.auth_asym_id 
_struct_site_gen.auth_seq_id 
_struct_site_gen.label_atom_id 
_struct_site_gen.label_alt_id 
_struct_site_gen.symmetry 
_struct_site_gen.details 
1  AC1 9 TYR A 34 ? TYR A 33  . ? 1_555 ? 
2  AC1 9 HIS A 38 ? HIS A 37  . ? 1_555 ? 
3  AC1 9 GLY A 39 ? GLY A 38  . ? 4_545 ? 
4  AC1 9 GLU A 57 ? GLU A 56  . ? 4_545 ? 
5  AC1 9 HOH D .  ? HOH A 59  . ? 1_555 ? 
6  AC1 9 HOH D .  ? HOH A 126 . ? 1_555 ? 
7  AC1 9 HOH D .  ? HOH A 138 . ? 8_445 ? 
8  AC1 9 HOH D .  ? HOH A 147 . ? 4_545 ? 
9  AC1 9 HOH D .  ? HOH A 148 . ? 1_555 ? 
10 AC2 5 TYR A 4  ? TYR A 3   . ? 1_555 ? 
11 AC2 5 ASP A 23 ? ASP A 22  . ? 3_555 ? 
12 AC2 5 ALA A 24 ? ALA A 23  . ? 1_555 ? 
13 AC2 5 TYR A 46 ? TYR A 45  . ? 3_555 ? 
14 AC2 5 HOH D .  ? HOH A 91  . ? 1_555 ? 
# 
loop_
_pdbx_validate_symm_contact.id 
_pdbx_validate_symm_contact.PDB_model_num 
_pdbx_validate_symm_contact.auth_atom_id_1 
_pdbx_validate_symm_contact.auth_asym_id_1 
_pdbx_validate_symm_contact.auth_comp_id_1 
_pdbx_validate_symm_contact.auth_seq_id_1 
_pdbx_validate_symm_contact.PDB_ins_code_1 
_pdbx_validate_symm_contact.label_alt_id_1 
_pdbx_validate_symm_contact.site_symmetry_1 
_pdbx_validate_symm_contact.auth_atom_id_2 
_pdbx_validate_symm_contact.auth_asym_id_2 
_pdbx_validate_symm_contact.auth_comp_id_2 
_pdbx_validate_symm_contact.auth_seq_id_2 
_pdbx_validate_symm_contact.PDB_ins_code_2 
_pdbx_validate_symm_contact.label_alt_id_2 
_pdbx_validate_symm_contact.site_symmetry_2 
_pdbx_validate_symm_contact.dist 
1 1 S  A SO4 58 ? ? 1_555 S  A SO4 58 ? ? 3_555 0.94 
2 1 O2 A SO4 58 ? ? 1_555 O4 A SO4 58 ? ? 3_555 1.01 
3 1 S  A SO4 58 ? ? 1_555 O3 A SO4 58 ? ? 3_555 1.20 
4 1 O1 A SO4 58 ? ? 1_555 O3 A SO4 58 ? ? 3_555 1.34 
5 1 O3 A SO4 58 ? ? 1_555 O3 A SO4 58 ? ? 3_555 1.51 
6 1 S  A SO4 58 ? ? 1_555 O2 A SO4 58 ? ? 3_555 1.53 
7 1 O2 A SO4 58 ? ? 1_555 O3 A SO4 58 ? ? 3_555 1.83 
8 1 S  A SO4 58 ? ? 1_555 O4 A SO4 58 ? ? 3_555 1.93 
# 
loop_
_chem_comp_atom.comp_id 
_chem_comp_atom.atom_id 
_chem_comp_atom.type_symbol 
_chem_comp_atom.pdbx_aromatic_flag 
_chem_comp_atom.pdbx_stereo_config 
_chem_comp_atom.pdbx_ordinal 
ALA N    N N N 1   
ALA CA   C N S 2   
ALA C    C N N 3   
ALA O    O N N 4   
ALA CB   C N N 5   
ALA OXT  O N N 6   
ALA H    H N N 7   
ALA H2   H N N 8   
ALA HA   H N N 9   
ALA HB1  H N N 10  
ALA HB2  H N N 11  
ALA HB3  H N N 12  
ALA HXT  H N N 13  
ASN N    N N N 14  
ASN CA   C N S 15  
ASN C    C N N 16  
ASN O    O N N 17  
ASN CB   C N N 18  
ASN CG   C N N 19  
ASN OD1  O N N 20  
ASN ND2  N N N 21  
ASN OXT  O N N 22  
ASN H    H N N 23  
ASN H2   H N N 24  
ASN HA   H N N 25  
ASN HB2  H N N 26  
ASN HB3  H N N 27  
ASN HD21 H N N 28  
ASN HD22 H N N 29  
ASN HXT  H N N 30  
ASP N    N N N 31  
ASP CA   C N S 32  
ASP C    C N N 33  
ASP O    O N N 34  
ASP CB   C N N 35  
ASP CG   C N N 36  
ASP OD1  O N N 37  
ASP OD2  O N N 38  
ASP OXT  O N N 39  
ASP H    H N N 40  
ASP H2   H N N 41  
ASP HA   H N N 42  
ASP HB2  H N N 43  
ASP HB3  H N N 44  
ASP HD2  H N N 45  
ASP HXT  H N N 46  
GLN N    N N N 47  
GLN CA   C N S 48  
GLN C    C N N 49  
GLN O    O N N 50  
GLN CB   C N N 51  
GLN CG   C N N 52  
GLN CD   C N N 53  
GLN OE1  O N N 54  
GLN NE2  N N N 55  
GLN OXT  O N N 56  
GLN H    H N N 57  
GLN H2   H N N 58  
GLN HA   H N N 59  
GLN HB2  H N N 60  
GLN HB3  H N N 61  
GLN HG2  H N N 62  
GLN HG3  H N N 63  
GLN HE21 H N N 64  
GLN HE22 H N N 65  
GLN HXT  H N N 66  
GLU N    N N N 67  
GLU CA   C N S 68  
GLU C    C N N 69  
GLU O    O N N 70  
GLU CB   C N N 71  
GLU CG   C N N 72  
GLU CD   C N N 73  
GLU OE1  O N N 74  
GLU OE2  O N N 75  
GLU OXT  O N N 76  
GLU H    H N N 77  
GLU H2   H N N 78  
GLU HA   H N N 79  
GLU HB2  H N N 80  
GLU HB3  H N N 81  
GLU HG2  H N N 82  
GLU HG3  H N N 83  
GLU HE2  H N N 84  
GLU HXT  H N N 85  
GLY N    N N N 86  
GLY CA   C N N 87  
GLY C    C N N 88  
GLY O    O N N 89  
GLY OXT  O N N 90  
GLY H    H N N 91  
GLY H2   H N N 92  
GLY HA2  H N N 93  
GLY HA3  H N N 94  
GLY HXT  H N N 95  
HIS N    N N N 96  
HIS CA   C N S 97  
HIS C    C N N 98  
HIS O    O N N 99  
HIS CB   C N N 100 
HIS CG   C Y N 101 
HIS ND1  N Y N 102 
HIS CD2  C Y N 103 
HIS CE1  C Y N 104 
HIS NE2  N Y N 105 
HIS OXT  O N N 106 
HIS H    H N N 107 
HIS H2   H N N 108 
HIS HA   H N N 109 
HIS HB2  H N N 110 
HIS HB3  H N N 111 
HIS HD1  H N N 112 
HIS HD2  H N N 113 
HIS HE1  H N N 114 
HIS HE2  H N N 115 
HIS HXT  H N N 116 
HOH O    O N N 117 
HOH H1   H N N 118 
HOH H2   H N N 119 
ILE N    N N N 120 
ILE CA   C N S 121 
ILE C    C N N 122 
ILE O    O N N 123 
ILE CB   C N S 124 
ILE CG1  C N N 125 
ILE CG2  C N N 126 
ILE CD1  C N N 127 
ILE OXT  O N N 128 
ILE H    H N N 129 
ILE H2   H N N 130 
ILE HA   H N N 131 
ILE HB   H N N 132 
ILE HG12 H N N 133 
ILE HG13 H N N 134 
ILE HG21 H N N 135 
ILE HG22 H N N 136 
ILE HG23 H N N 137 
ILE HD11 H N N 138 
ILE HD12 H N N 139 
ILE HD13 H N N 140 
ILE HXT  H N N 141 
LEU N    N N N 142 
LEU CA   C N S 143 
LEU C    C N N 144 
LEU O    O N N 145 
LEU CB   C N N 146 
LEU CG   C N N 147 
LEU CD1  C N N 148 
LEU CD2  C N N 149 
LEU OXT  O N N 150 
LEU H    H N N 151 
LEU H2   H N N 152 
LEU HA   H N N 153 
LEU HB2  H N N 154 
LEU HB3  H N N 155 
LEU HG   H N N 156 
LEU HD11 H N N 157 
LEU HD12 H N N 158 
LEU HD13 H N N 159 
LEU HD21 H N N 160 
LEU HD22 H N N 161 
LEU HD23 H N N 162 
LEU HXT  H N N 163 
LYS N    N N N 164 
LYS CA   C N S 165 
LYS C    C N N 166 
LYS O    O N N 167 
LYS CB   C N N 168 
LYS CG   C N N 169 
LYS CD   C N N 170 
LYS CE   C N N 171 
LYS NZ   N N N 172 
LYS OXT  O N N 173 
LYS H    H N N 174 
LYS H2   H N N 175 
LYS HA   H N N 176 
LYS HB2  H N N 177 
LYS HB3  H N N 178 
LYS HG2  H N N 179 
LYS HG3  H N N 180 
LYS HD2  H N N 181 
LYS HD3  H N N 182 
LYS HE2  H N N 183 
LYS HE3  H N N 184 
LYS HZ1  H N N 185 
LYS HZ2  H N N 186 
LYS HZ3  H N N 187 
LYS HXT  H N N 188 
MET N    N N N 189 
MET CA   C N S 190 
MET C    C N N 191 
MET O    O N N 192 
MET CB   C N N 193 
MET CG   C N N 194 
MET SD   S N N 195 
MET CE   C N N 196 
MET OXT  O N N 197 
MET H    H N N 198 
MET H2   H N N 199 
MET HA   H N N 200 
MET HB2  H N N 201 
MET HB3  H N N 202 
MET HG2  H N N 203 
MET HG3  H N N 204 
MET HE1  H N N 205 
MET HE2  H N N 206 
MET HE3  H N N 207 
MET HXT  H N N 208 
PHE N    N N N 209 
PHE CA   C N S 210 
PHE C    C N N 211 
PHE O    O N N 212 
PHE CB   C N N 213 
PHE CG   C Y N 214 
PHE CD1  C Y N 215 
PHE CD2  C Y N 216 
PHE CE1  C Y N 217 
PHE CE2  C Y N 218 
PHE CZ   C Y N 219 
PHE OXT  O N N 220 
PHE H    H N N 221 
PHE H2   H N N 222 
PHE HA   H N N 223 
PHE HB2  H N N 224 
PHE HB3  H N N 225 
PHE HD1  H N N 226 
PHE HD2  H N N 227 
PHE HE1  H N N 228 
PHE HE2  H N N 229 
PHE HZ   H N N 230 
PHE HXT  H N N 231 
PRO N    N N N 232 
PRO CA   C N S 233 
PRO C    C N N 234 
PRO O    O N N 235 
PRO CB   C N N 236 
PRO CG   C N N 237 
PRO CD   C N N 238 
PRO OXT  O N N 239 
PRO H    H N N 240 
PRO HA   H N N 241 
PRO HB2  H N N 242 
PRO HB3  H N N 243 
PRO HG2  H N N 244 
PRO HG3  H N N 245 
PRO HD2  H N N 246 
PRO HD3  H N N 247 
PRO HXT  H N N 248 
SO4 S    S N N 249 
SO4 O1   O N N 250 
SO4 O2   O N N 251 
SO4 O3   O N N 252 
SO4 O4   O N N 253 
THR N    N N N 254 
THR CA   C N S 255 
THR C    C N N 256 
THR O    O N N 257 
THR CB   C N R 258 
THR OG1  O N N 259 
THR CG2  C N N 260 
THR OXT  O N N 261 
THR H    H N N 262 
THR H2   H N N 263 
THR HA   H N N 264 
THR HB   H N N 265 
THR HG1  H N N 266 
THR HG21 H N N 267 
THR HG22 H N N 268 
THR HG23 H N N 269 
THR HXT  H N N 270 
TRP N    N N N 271 
TRP CA   C N S 272 
TRP C    C N N 273 
TRP O    O N N 274 
TRP CB   C N N 275 
TRP CG   C Y N 276 
TRP CD1  C Y N 277 
TRP CD2  C Y N 278 
TRP NE1  N Y N 279 
TRP CE2  C Y N 280 
TRP CE3  C Y N 281 
TRP CZ2  C Y N 282 
TRP CZ3  C Y N 283 
TRP CH2  C Y N 284 
TRP OXT  O N N 285 
TRP H    H N N 286 
TRP H2   H N N 287 
TRP HA   H N N 288 
TRP HB2  H N N 289 
TRP HB3  H N N 290 
TRP HD1  H N N 291 
TRP HE1  H N N 292 
TRP HE3  H N N 293 
TRP HZ2  H N N 294 
TRP HZ3  H N N 295 
TRP HH2  H N N 296 
TRP HXT  H N N 297 
TYR N    N N N 298 
TYR CA   C N S 299 
TYR C    C N N 300 
TYR O    O N N 301 
TYR CB   C N N 302 
TYR CG   C Y N 303 
TYR CD1  C Y N 304 
TYR CD2  C Y N 305 
TYR CE1  C Y N 306 
TYR CE2  C Y N 307 
TYR CZ   C Y N 308 
TYR OH   O N N 309 
TYR OXT  O N N 310 
TYR H    H N N 311 
TYR H2   H N N 312 
TYR HA   H N N 313 
TYR HB2  H N N 314 
TYR HB3  H N N 315 
TYR HD1  H N N 316 
TYR HD2  H N N 317 
TYR HE1  H N N 318 
TYR HE2  H N N 319 
TYR HH   H N N 320 
TYR HXT  H N N 321 
VAL N    N N N 322 
VAL CA   C N S 323 
VAL C    C N N 324 
VAL O    O N N 325 
VAL CB   C N N 326 
VAL CG1  C N N 327 
VAL CG2  C N N 328 
VAL OXT  O N N 329 
VAL H    H N N 330 
VAL H2   H N N 331 
VAL HA   H N N 332 
VAL HB   H N N 333 
VAL HG11 H N N 334 
VAL HG12 H N N 335 
VAL HG13 H N N 336 
VAL HG21 H N N 337 
VAL HG22 H N N 338 
VAL HG23 H N N 339 
VAL HXT  H N N 340 
# 
loop_
_chem_comp_bond.comp_id 
_chem_comp_bond.atom_id_1 
_chem_comp_bond.atom_id_2 
_chem_comp_bond.value_order 
_chem_comp_bond.pdbx_aromatic_flag 
_chem_comp_bond.pdbx_stereo_config 
_chem_comp_bond.pdbx_ordinal 
ALA N   CA   sing N N 1   
ALA N   H    sing N N 2   
ALA N   H2   sing N N 3   
ALA CA  C    sing N N 4   
ALA CA  CB   sing N N 5   
ALA CA  HA   sing N N 6   
ALA C   O    doub N N 7   
ALA C   OXT  sing N N 8   
ALA CB  HB1  sing N N 9   
ALA CB  HB2  sing N N 10  
ALA CB  HB3  sing N N 11  
ALA OXT HXT  sing N N 12  
ASN N   CA   sing N N 13  
ASN N   H    sing N N 14  
ASN N   H2   sing N N 15  
ASN CA  C    sing N N 16  
ASN CA  CB   sing N N 17  
ASN CA  HA   sing N N 18  
ASN C   O    doub N N 19  
ASN C   OXT  sing N N 20  
ASN CB  CG   sing N N 21  
ASN CB  HB2  sing N N 22  
ASN CB  HB3  sing N N 23  
ASN CG  OD1  doub N N 24  
ASN CG  ND2  sing N N 25  
ASN ND2 HD21 sing N N 26  
ASN ND2 HD22 sing N N 27  
ASN OXT HXT  sing N N 28  
ASP N   CA   sing N N 29  
ASP N   H    sing N N 30  
ASP N   H2   sing N N 31  
ASP CA  C    sing N N 32  
ASP CA  CB   sing N N 33  
ASP CA  HA   sing N N 34  
ASP C   O    doub N N 35  
ASP C   OXT  sing N N 36  
ASP CB  CG   sing N N 37  
ASP CB  HB2  sing N N 38  
ASP CB  HB3  sing N N 39  
ASP CG  OD1  doub N N 40  
ASP CG  OD2  sing N N 41  
ASP OD2 HD2  sing N N 42  
ASP OXT HXT  sing N N 43  
GLN N   CA   sing N N 44  
GLN N   H    sing N N 45  
GLN N   H2   sing N N 46  
GLN CA  C    sing N N 47  
GLN CA  CB   sing N N 48  
GLN CA  HA   sing N N 49  
GLN C   O    doub N N 50  
GLN C   OXT  sing N N 51  
GLN CB  CG   sing N N 52  
GLN CB  HB2  sing N N 53  
GLN CB  HB3  sing N N 54  
GLN CG  CD   sing N N 55  
GLN CG  HG2  sing N N 56  
GLN CG  HG3  sing N N 57  
GLN CD  OE1  doub N N 58  
GLN CD  NE2  sing N N 59  
GLN NE2 HE21 sing N N 60  
GLN NE2 HE22 sing N N 61  
GLN OXT HXT  sing N N 62  
GLU N   CA   sing N N 63  
GLU N   H    sing N N 64  
GLU N   H2   sing N N 65  
GLU CA  C    sing N N 66  
GLU CA  CB   sing N N 67  
GLU CA  HA   sing N N 68  
GLU C   O    doub N N 69  
GLU C   OXT  sing N N 70  
GLU CB  CG   sing N N 71  
GLU CB  HB2  sing N N 72  
GLU CB  HB3  sing N N 73  
GLU CG  CD   sing N N 74  
GLU CG  HG2  sing N N 75  
GLU CG  HG3  sing N N 76  
GLU CD  OE1  doub N N 77  
GLU CD  OE2  sing N N 78  
GLU OE2 HE2  sing N N 79  
GLU OXT HXT  sing N N 80  
GLY N   CA   sing N N 81  
GLY N   H    sing N N 82  
GLY N   H2   sing N N 83  
GLY CA  C    sing N N 84  
GLY CA  HA2  sing N N 85  
GLY CA  HA3  sing N N 86  
GLY C   O    doub N N 87  
GLY C   OXT  sing N N 88  
GLY OXT HXT  sing N N 89  
HIS N   CA   sing N N 90  
HIS N   H    sing N N 91  
HIS N   H2   sing N N 92  
HIS CA  C    sing N N 93  
HIS CA  CB   sing N N 94  
HIS CA  HA   sing N N 95  
HIS C   O    doub N N 96  
HIS C   OXT  sing N N 97  
HIS CB  CG   sing N N 98  
HIS CB  HB2  sing N N 99  
HIS CB  HB3  sing N N 100 
HIS CG  ND1  sing Y N 101 
HIS CG  CD2  doub Y N 102 
HIS ND1 CE1  doub Y N 103 
HIS ND1 HD1  sing N N 104 
HIS CD2 NE2  sing Y N 105 
HIS CD2 HD2  sing N N 106 
HIS CE1 NE2  sing Y N 107 
HIS CE1 HE1  sing N N 108 
HIS NE2 HE2  sing N N 109 
HIS OXT HXT  sing N N 110 
HOH O   H1   sing N N 111 
HOH O   H2   sing N N 112 
ILE N   CA   sing N N 113 
ILE N   H    sing N N 114 
ILE N   H2   sing N N 115 
ILE CA  C    sing N N 116 
ILE CA  CB   sing N N 117 
ILE CA  HA   sing N N 118 
ILE C   O    doub N N 119 
ILE C   OXT  sing N N 120 
ILE CB  CG1  sing N N 121 
ILE CB  CG2  sing N N 122 
ILE CB  HB   sing N N 123 
ILE CG1 CD1  sing N N 124 
ILE CG1 HG12 sing N N 125 
ILE CG1 HG13 sing N N 126 
ILE CG2 HG21 sing N N 127 
ILE CG2 HG22 sing N N 128 
ILE CG2 HG23 sing N N 129 
ILE CD1 HD11 sing N N 130 
ILE CD1 HD12 sing N N 131 
ILE CD1 HD13 sing N N 132 
ILE OXT HXT  sing N N 133 
LEU N   CA   sing N N 134 
LEU N   H    sing N N 135 
LEU N   H2   sing N N 136 
LEU CA  C    sing N N 137 
LEU CA  CB   sing N N 138 
LEU CA  HA   sing N N 139 
LEU C   O    doub N N 140 
LEU C   OXT  sing N N 141 
LEU CB  CG   sing N N 142 
LEU CB  HB2  sing N N 143 
LEU CB  HB3  sing N N 144 
LEU CG  CD1  sing N N 145 
LEU CG  CD2  sing N N 146 
LEU CG  HG   sing N N 147 
LEU CD1 HD11 sing N N 148 
LEU CD1 HD12 sing N N 149 
LEU CD1 HD13 sing N N 150 
LEU CD2 HD21 sing N N 151 
LEU CD2 HD22 sing N N 152 
LEU CD2 HD23 sing N N 153 
LEU OXT HXT  sing N N 154 
LYS N   CA   sing N N 155 
LYS N   H    sing N N 156 
LYS N   H2   sing N N 157 
LYS CA  C    sing N N 158 
LYS CA  CB   sing N N 159 
LYS CA  HA   sing N N 160 
LYS C   O    doub N N 161 
LYS C   OXT  sing N N 162 
LYS CB  CG   sing N N 163 
LYS CB  HB2  sing N N 164 
LYS CB  HB3  sing N N 165 
LYS CG  CD   sing N N 166 
LYS CG  HG2  sing N N 167 
LYS CG  HG3  sing N N 168 
LYS CD  CE   sing N N 169 
LYS CD  HD2  sing N N 170 
LYS CD  HD3  sing N N 171 
LYS CE  NZ   sing N N 172 
LYS CE  HE2  sing N N 173 
LYS CE  HE3  sing N N 174 
LYS NZ  HZ1  sing N N 175 
LYS NZ  HZ2  sing N N 176 
LYS NZ  HZ3  sing N N 177 
LYS OXT HXT  sing N N 178 
MET N   CA   sing N N 179 
MET N   H    sing N N 180 
MET N   H2   sing N N 181 
MET CA  C    sing N N 182 
MET CA  CB   sing N N 183 
MET CA  HA   sing N N 184 
MET C   O    doub N N 185 
MET C   OXT  sing N N 186 
MET CB  CG   sing N N 187 
MET CB  HB2  sing N N 188 
MET CB  HB3  sing N N 189 
MET CG  SD   sing N N 190 
MET CG  HG2  sing N N 191 
MET CG  HG3  sing N N 192 
MET SD  CE   sing N N 193 
MET CE  HE1  sing N N 194 
MET CE  HE2  sing N N 195 
MET CE  HE3  sing N N 196 
MET OXT HXT  sing N N 197 
PHE N   CA   sing N N 198 
PHE N   H    sing N N 199 
PHE N   H2   sing N N 200 
PHE CA  C    sing N N 201 
PHE CA  CB   sing N N 202 
PHE CA  HA   sing N N 203 
PHE C   O    doub N N 204 
PHE C   OXT  sing N N 205 
PHE CB  CG   sing N N 206 
PHE CB  HB2  sing N N 207 
PHE CB  HB3  sing N N 208 
PHE CG  CD1  doub Y N 209 
PHE CG  CD2  sing Y N 210 
PHE CD1 CE1  sing Y N 211 
PHE CD1 HD1  sing N N 212 
PHE CD2 CE2  doub Y N 213 
PHE CD2 HD2  sing N N 214 
PHE CE1 CZ   doub Y N 215 
PHE CE1 HE1  sing N N 216 
PHE CE2 CZ   sing Y N 217 
PHE CE2 HE2  sing N N 218 
PHE CZ  HZ   sing N N 219 
PHE OXT HXT  sing N N 220 
PRO N   CA   sing N N 221 
PRO N   CD   sing N N 222 
PRO N   H    sing N N 223 
PRO CA  C    sing N N 224 
PRO CA  CB   sing N N 225 
PRO CA  HA   sing N N 226 
PRO C   O    doub N N 227 
PRO C   OXT  sing N N 228 
PRO CB  CG   sing N N 229 
PRO CB  HB2  sing N N 230 
PRO CB  HB3  sing N N 231 
PRO CG  CD   sing N N 232 
PRO CG  HG2  sing N N 233 
PRO CG  HG3  sing N N 234 
PRO CD  HD2  sing N N 235 
PRO CD  HD3  sing N N 236 
PRO OXT HXT  sing N N 237 
SO4 S   O1   doub N N 238 
SO4 S   O2   doub N N 239 
SO4 S   O3   sing N N 240 
SO4 S   O4   sing N N 241 
THR N   CA   sing N N 242 
THR N   H    sing N N 243 
THR N   H2   sing N N 244 
THR CA  C    sing N N 245 
THR CA  CB   sing N N 246 
THR CA  HA   sing N N 247 
THR C   O    doub N N 248 
THR C   OXT  sing N N 249 
THR CB  OG1  sing N N 250 
THR CB  CG2  sing N N 251 
THR CB  HB   sing N N 252 
THR OG1 HG1  sing N N 253 
THR CG2 HG21 sing N N 254 
THR CG2 HG22 sing N N 255 
THR CG2 HG23 sing N N 256 
THR OXT HXT  sing N N 257 
TRP N   CA   sing N N 258 
TRP N   H    sing N N 259 
TRP N   H2   sing N N 260 
TRP CA  C    sing N N 261 
TRP CA  CB   sing N N 262 
TRP CA  HA   sing N N 263 
TRP C   O    doub N N 264 
TRP C   OXT  sing N N 265 
TRP CB  CG   sing N N 266 
TRP CB  HB2  sing N N 267 
TRP CB  HB3  sing N N 268 
TRP CG  CD1  doub Y N 269 
TRP CG  CD2  sing Y N 270 
TRP CD1 NE1  sing Y N 271 
TRP CD1 HD1  sing N N 272 
TRP CD2 CE2  doub Y N 273 
TRP CD2 CE3  sing Y N 274 
TRP NE1 CE2  sing Y N 275 
TRP NE1 HE1  sing N N 276 
TRP CE2 CZ2  sing Y N 277 
TRP CE3 CZ3  doub Y N 278 
TRP CE3 HE3  sing N N 279 
TRP CZ2 CH2  doub Y N 280 
TRP CZ2 HZ2  sing N N 281 
TRP CZ3 CH2  sing Y N 282 
TRP CZ3 HZ3  sing N N 283 
TRP CH2 HH2  sing N N 284 
TRP OXT HXT  sing N N 285 
TYR N   CA   sing N N 286 
TYR N   H    sing N N 287 
TYR N   H2   sing N N 288 
TYR CA  C    sing N N 289 
TYR CA  CB   sing N N 290 
TYR CA  HA   sing N N 291 
TYR C   O    doub N N 292 
TYR C   OXT  sing N N 293 
TYR CB  CG   sing N N 294 
TYR CB  HB2  sing N N 295 
TYR CB  HB3  sing N N 296 
TYR CG  CD1  doub Y N 297 
TYR CG  CD2  sing Y N 298 
TYR CD1 CE1  sing Y N 299 
TYR CD1 HD1  sing N N 300 
TYR CD2 CE2  doub Y N 301 
TYR CD2 HD2  sing N N 302 
TYR CE1 CZ   doub Y N 303 
TYR CE1 HE1  sing N N 304 
TYR CE2 CZ   sing Y N 305 
TYR CE2 HE2  sing N N 306 
TYR CZ  OH   sing N N 307 
TYR OH  HH   sing N N 308 
TYR OXT HXT  sing N N 309 
VAL N   CA   sing N N 310 
VAL N   H    sing N N 311 
VAL N   H2   sing N N 312 
VAL CA  C    sing N N 313 
VAL CA  CB   sing N N 314 
VAL CA  HA   sing N N 315 
VAL C   O    doub N N 316 
VAL C   OXT  sing N N 317 
VAL CB  CG1  sing N N 318 
VAL CB  CG2  sing N N 319 
VAL CB  HB   sing N N 320 
VAL CG1 HG11 sing N N 321 
VAL CG1 HG12 sing N N 322 
VAL CG1 HG13 sing N N 323 
VAL CG2 HG21 sing N N 324 
VAL CG2 HG22 sing N N 325 
VAL CG2 HG23 sing N N 326 
VAL OXT HXT  sing N N 327 
# 
_atom_sites.entry_id                    2ZW0 
_atom_sites.fract_transf_matrix[1][1]   -0.00958604 
_atom_sites.fract_transf_matrix[1][2]   0.03607422 
_atom_sites.fract_transf_matrix[1][3]   -0.01064354 
_atom_sites.fract_transf_matrix[2][1]   -0.02650574 
_atom_sites.fract_transf_matrix[2][2]   -0.00729089 
_atom_sites.fract_transf_matrix[2][3]   -0.00083880 
_atom_sites.fract_transf_matrix[3][1]   -0.00107850 
_atom_sites.fract_transf_matrix[3][2]   0.00274048 
_atom_sites.fract_transf_matrix[3][3]   0.01025967 
_atom_sites.fract_transf_vector[1]      -0.042726 
_atom_sites.fract_transf_vector[2]      -0.367154 
_atom_sites.fract_transf_vector[3]      0.124902 
# 
loop_
_atom_type.symbol 
C 
N 
O 
S 
# 
loop_
_atom_site.group_PDB 
_atom_site.id 
_atom_site.type_symbol 
_atom_site.label_atom_id 
_atom_site.label_alt_id 
_atom_site.label_comp_id 
_atom_site.label_asym_id 
_atom_site.label_entity_id 
_atom_site.label_seq_id 
_atom_site.pdbx_PDB_ins_code 
_atom_site.Cartn_x 
_atom_site.Cartn_y 
_atom_site.Cartn_z 
_atom_site.occupancy 
_atom_site.B_iso_or_equiv 
_atom_site.pdbx_formal_charge 
_atom_site.auth_seq_id 
_atom_site.auth_comp_id 
_atom_site.auth_asym_id 
_atom_site.auth_atom_id 
_atom_site.pdbx_PDB_model_num 
ATOM   1   N N   . MET A 1 1  ? -17.211 -1.216  3.505   1.00 16.76 ? 0   MET A N   1 
ATOM   2   C CA  . MET A 1 1  ? -15.905 -1.186  4.220   1.00 16.63 ? 0   MET A CA  1 
ATOM   3   C C   . MET A 1 1  ? -15.064 -0.006  3.769   1.00 14.28 ? 0   MET A C   1 
ATOM   4   O O   . MET A 1 1  ? -15.195 0.485   2.647   1.00 13.69 ? 0   MET A O   1 
ATOM   5   C CB  . MET A 1 1  ? -15.121 -2.461  3.964   1.00 16.90 ? 0   MET A CB  1 
ATOM   6   C CG  . MET A 1 1  ? -15.514 -3.634  4.828   1.00 17.70 ? 0   MET A CG  1 
ATOM   7   S SD  . MET A 1 1  ? -14.516 -5.080  4.404   1.00 21.27 ? 0   MET A SD  1 
ATOM   8   C CE  . MET A 1 1  ? -15.299 -6.385  5.355   1.00 17.76 ? 0   MET A CE  1 
ATOM   9   N N   . ASP A 1 2  ? -14.182 0.425   4.653   1.00 12.02 ? 1   ASP A N   1 
ATOM   10  C CA  . ASP A 1 2  ? -13.341 1.577   4.372   1.00 10.40 ? 1   ASP A CA  1 
ATOM   11  C C   . ASP A 1 2  ? -12.388 1.276   3.220   1.00 8.91  ? 1   ASP A C   1 
ATOM   12  O O   . ASP A 1 2  ? -11.979 0.129   3.026   1.00 8.92  ? 1   ASP A O   1 
ATOM   13  C CB  . ASP A 1 2  ? -12.578 1.984   5.631   1.00 11.33 ? 1   ASP A CB  1 
ATOM   14  C CG  . ASP A 1 2  ? -13.458 2.714   6.642   1.00 13.46 ? 1   ASP A CG  1 
ATOM   15  O OD1 . ASP A 1 2  ? -14.602 3.091   6.309   1.00 14.82 ? 1   ASP A OD1 1 
ATOM   16  O OD2 . ASP A 1 2  ? -12.992 2.931   7.782   1.00 15.83 ? 1   ASP A OD2 1 
ATOM   17  N N   . THR A 1 3  ? -12.042 2.315   2.466   1.00 7.50  ? 2   THR A N   1 
ATOM   18  C CA  . THR A 1 3  ? -11.100 2.153   1.363   1.00 7.11  ? 2   THR A CA  1 
ATOM   19  C C   . THR A 1 3  ? -9.718  2.610   1.792   1.00 7.19  ? 2   THR A C   1 
ATOM   20  O O   . THR A 1 3  ? -9.565  3.693   2.352   1.00 7.78  ? 2   THR A O   1 
ATOM   21  C CB  . THR A 1 3  ? -11.531 2.966   0.142   1.00 6.85  ? 2   THR A CB  1 
ATOM   22  O OG1 . THR A 1 3  ? -12.821 2.495   -0.275  1.00 7.85  ? 2   THR A OG1 1 
ATOM   23  C CG2 . THR A 1 3  ? -10.528 2.789   -0.997  1.00 8.26  ? 2   THR A CG2 1 
ATOM   24  N N   . TYR A 1 4  ? -8.727  1.755   1.537   1.00 6.46  ? 3   TYR A N   1 
ATOM   25  C CA  . TYR A 1 4  ? -7.318  2.036   1.792   1.00 6.64  ? 3   TYR A CA  1 
ATOM   26  C C   . TYR A 1 4  ? -6.615  2.169   0.451   1.00 7.17  ? 3   TYR A C   1 
ATOM   27  O O   . TYR A 1 4  ? -6.926  1.461   -0.511  1.00 7.30  ? 3   TYR A O   1 
ATOM   28  C CB  . TYR A 1 4  ? -6.702  0.929   2.683   1.00 7.42  ? 3   TYR A CB  1 
ATOM   29  C CG  . TYR A 1 4  ? -7.420  0.899   4.004   1.00 5.87  ? 3   TYR A CG  1 
ATOM   30  C CD1 . TYR A 1 4  ? -8.604  0.182   4.158   1.00 6.19  ? 3   TYR A CD1 1 
ATOM   31  C CD2 . TYR A 1 4  ? -6.993  1.702   5.069   1.00 6.03  ? 3   TYR A CD2 1 
ATOM   32  C CE1 . TYR A 1 4  ? -9.315  0.232   5.350   1.00 6.18  ? 3   TYR A CE1 1 
ATOM   33  C CE2 . TYR A 1 4  ? -7.703  1.756   6.271   1.00 6.01  ? 3   TYR A CE2 1 
ATOM   34  C CZ  . TYR A 1 4  ? -8.858  1.018   6.397   1.00 5.67  ? 3   TYR A CZ  1 
ATOM   35  O OH  . TYR A 1 4  ? -9.574  1.086   7.571   1.00 9.14  ? 3   TYR A OH  1 
ATOM   36  N N   . LYS A 1 5  ? -5.694  3.123   0.379   1.00 7.66  ? 4   LYS A N   1 
ATOM   37  C CA  . LYS A 1 5  ? -4.914  3.354   -0.821  1.00 8.45  ? 4   LYS A CA  1 
ATOM   38  C C   . LYS A 1 5  ? -3.477  2.898   -0.598  1.00 8.05  ? 4   LYS A C   1 
ATOM   39  O O   . LYS A 1 5  ? -2.948  3.004   0.519   1.00 7.82  ? 4   LYS A O   1 
ATOM   40  C CB  . LYS A 1 5  ? -4.887  4.839   -1.163  1.00 8.95  ? 4   LYS A CB  1 
ATOM   41  C CG  . LYS A 1 5  ? -6.213  5.449   -1.571  1.00 11.71 ? 4   LYS A CG  1 
ATOM   42  C CD  . LYS A 1 5  ? -6.105  6.965   -1.682  1.00 12.55 ? 4   LYS A CD  1 
ATOM   43  C CE  . LYS A 1 5  ? -4.868  7.407   -2.457  1.00 17.83 ? 4   LYS A CE  1 
ATOM   44  N NZ  . LYS A 1 5  ? -4.711  6.806   -3.813  1.00 20.81 ? 4   LYS A NZ  1 
ATOM   45  N N   . LEU A 1 6  ? -2.852  2.428   -1.671  1.00 7.22  ? 5   LEU A N   1 
ATOM   46  C CA  . LEU A 1 6  ? -1.432  2.086   -1.679  1.00 7.01  ? 5   LEU A CA  1 
ATOM   47  C C   . LEU A 1 6  ? -0.749  2.914   -2.760  1.00 7.01  ? 5   LEU A C   1 
ATOM   48  O O   . LEU A 1 6  ? -1.117  2.819   -3.939  1.00 7.91  ? 5   LEU A O   1 
ATOM   49  C CB  . LEU A 1 6  ? -1.225  0.583   -1.945  1.00 7.15  ? 5   LEU A CB  1 
ATOM   50  C CG  . LEU A 1 6  ? 0.236   0.130   -2.078  1.00 8.03  ? 5   LEU A CG  1 
ATOM   51  C CD1 . LEU A 1 6  ? 0.981   0.333   -0.782  1.00 9.28  ? 5   LEU A CD1 1 
ATOM   52  C CD2 . LEU A 1 6  ? 0.335   -1.323  -2.513  1.00 8.41  ? 5   LEU A CD2 1 
ATOM   53  N N   . ILE A 1 7  ? 0.242   3.708   -2.353  1.00 6.66  ? 6   ILE A N   1 
ATOM   54  C CA  . ILE A 1 7  ? 1.088   4.438   -3.294  1.00 6.72  ? 6   ILE A CA  1 
ATOM   55  C C   . ILE A 1 7  ? 2.436   3.730   -3.368  1.00 6.19  ? 6   ILE A C   1 
ATOM   56  O O   . ILE A 1 7  ? 3.110   3.555   -2.348  1.00 6.03  ? 6   ILE A O   1 
ATOM   57  C CB  . ILE A 1 7  ? 1.244   5.918   -2.874  1.00 7.05  ? 6   ILE A CB  1 
ATOM   58  C CG1 . ILE A 1 7  ? -0.129  6.600   -2.909  1.00 9.67  ? 6   ILE A CG1 1 
ATOM   59  C CG2 . ILE A 1 7  ? 2.254   6.645   -3.791  1.00 7.95  ? 6   ILE A CG2 1 
ATOM   60  C CD1 . ILE A 1 7  ? -0.144  8.001   -2.362  1.00 12.91 ? 6   ILE A CD1 1 
ATOM   61  N N   . LEU A 1 8  ? 2.796   3.289   -4.571  1.00 6.55  ? 7   LEU A N   1 
ATOM   62  C CA  . LEU A 1 8  ? 4.054   2.589   -4.799  1.00 7.18  ? 7   LEU A CA  1 
ATOM   63  C C   . LEU A 1 8  ? 5.033   3.537   -5.472  1.00 7.41  ? 7   LEU A C   1 
ATOM   64  O O   . LEU A 1 8  ? 4.881   3.867   -6.651  1.00 7.58  ? 7   LEU A O   1 
ATOM   65  C CB  . LEU A 1 8  ? 3.852   1.328   -5.651  1.00 7.60  ? 7   LEU A CB  1 
ATOM   66  C CG  . LEU A 1 8  ? 2.857   0.352   -5.003  1.00 8.12  ? 7   LEU A CG  1 
ATOM   67  C CD1 . LEU A 1 8  ? 1.539   0.313   -5.778  1.00 10.09 ? 7   LEU A CD1 1 
ATOM   68  C CD2 . LEU A 1 8  ? 3.440   -1.050  -4.861  1.00 11.81 ? 7   LEU A CD2 1 
ATOM   69  N N   . ASN A 1 9  ? 6.028   3.975   -4.704  1.00 7.67  ? 8   ASN A N   1 
ATOM   70  C CA  . ASN A 1 9  ? 7.084   4.825   -5.209  1.00 7.65  ? 8   ASN A CA  1 
ATOM   71  C C   . ASN A 1 9  ? 8.293   3.941   -5.517  1.00 7.81  ? 8   ASN A C   1 
ATOM   72  O O   . ASN A 1 9  ? 9.258   3.892   -4.744  1.00 7.84  ? 8   ASN A O   1 
ATOM   73  C CB  . ASN A 1 9  ? 7.448   5.898   -4.164  1.00 7.70  ? 8   ASN A CB  1 
ATOM   74  C CG  . ASN A 1 9  ? 6.315   6.895   -3.887  1.00 8.87  ? 8   ASN A CG  1 
ATOM   75  O OD1 . ASN A 1 9  ? 6.061   7.255   -2.724  1.00 13.52 ? 8   ASN A OD1 1 
ATOM   76  N ND2 . ASN A 1 9  ? 5.682   7.379   -4.927  1.00 9.76  ? 8   ASN A ND2 1 
ATOM   77  N N   . GLY A 1 10 ? 8.236   3.212   -6.630  1.00 7.76  ? 9   GLY A N   1 
ATOM   78  C CA  . GLY A 1 10 ? 9.355   2.365   -7.035  1.00 8.52  ? 9   GLY A CA  1 
ATOM   79  C C   . GLY A 1 10 ? 10.442  3.162   -7.734  1.00 8.04  ? 9   GLY A C   1 
ATOM   80  O O   . GLY A 1 10 ? 10.221  4.292   -8.181  1.00 8.74  ? 9   GLY A O   1 
ATOM   81  N N   . LYS A 1 11 ? 11.621  2.568   -7.862  1.00 8.82  ? 10  LYS A N   1 
ATOM   82  C CA  . LYS A 1 11 ? 12.714  3.245   -8.552  1.00 9.71  ? 10  LYS A CA  1 
ATOM   83  C C   . LYS A 1 11 ? 12.378  3.487   -10.028 1.00 10.01 ? 10  LYS A C   1 
ATOM   84  O O   . LYS A 1 11 ? 12.652  4.562   -10.565 1.00 11.47 ? 10  LYS A O   1 
ATOM   85  C CB  . LYS A 1 11 ? 13.998  2.433   -8.430  1.00 9.51  ? 10  LYS A CB  1 
ATOM   86  C CG  . LYS A 1 11 ? 14.600  2.468   -7.041  1.00 11.00 ? 10  LYS A CG  1 
ATOM   87  C CD  . LYS A 1 11 ? 15.715  1.449   -6.904  1.00 13.88 ? 10  LYS A CD  1 
ATOM   88  C CE  . LYS A 1 11 ? 16.153  1.331   -5.458  1.00 16.03 ? 10  LYS A CE  1 
ATOM   89  N NZ  . LYS A 1 11 ? 17.240  0.306   -5.314  1.00 18.18 ? 10  LYS A NZ  1 
ATOM   90  N N   . THR A 1 12 ? 11.778  2.480   -10.660 1.00 10.27 ? 11  THR A N   1 
ATOM   91  C CA  . THR A 1 12 ? 11.313  2.553   -12.042 1.00 11.20 ? 11  THR A CA  1 
ATOM   92  C C   . THR A 1 12 ? 9.783   2.472   -12.107 1.00 10.59 ? 11  THR A C   1 
ATOM   93  O O   . THR A 1 12 ? 9.138   3.251   -12.822 1.00 12.01 ? 11  THR A O   1 
ATOM   94  C CB  . THR A 1 12 ? 11.927  1.410   -12.867 1.00 11.12 ? 11  THR A CB  1 
ATOM   95  O OG1 . THR A 1 12 ? 13.325  1.656   -13.027 1.00 14.14 ? 11  THR A OG1 1 
ATOM   96  C CG2 . THR A 1 12 ? 11.282  1.310   -14.245 1.00 12.19 ? 11  THR A CG2 1 
ATOM   97  N N   . LEU A 1 13 ? 9.213   1.520   -11.375 1.00 10.71 ? 12  LEU A N   1 
ATOM   98  C CA  . LEU A 1 13 ? 7.778   1.239   -11.451 1.00 10.57 ? 12  LEU A CA  1 
ATOM   99  C C   . LEU A 1 13 ? 7.029   2.009   -10.398 1.00 10.58 ? 12  LEU A C   1 
ATOM   100 O O   . LEU A 1 13 ? 7.323   1.887   -9.197  1.00 11.64 ? 12  LEU A O   1 
ATOM   101 C CB  . LEU A 1 13 ? 7.511   -0.257  -11.291 1.00 10.99 ? 12  LEU A CB  1 
ATOM   102 C CG  . LEU A 1 13 ? 8.043   -1.159  -12.413 1.00 11.00 ? 12  LEU A CG  1 
ATOM   103 C CD1 . LEU A 1 13 ? 7.981   -2.606  -12.002 1.00 11.52 ? 12  LEU A CD1 1 
ATOM   104 C CD2 . LEU A 1 13 ? 7.281   -0.956  -13.714 1.00 11.14 ? 12  LEU A CD2 1 
ATOM   105 N N   . LYS A 1 14 ? 6.057   2.800   -10.842 1.00 9.45  ? 13  LYS A N   1 
ATOM   106 C CA  . LYS A 1 14 ? 5.288   3.633   -9.930  1.00 9.50  ? 13  LYS A CA  1 
ATOM   107 C C   . LYS A 1 14 ? 3.809   3.440   -10.194 1.00 8.04  ? 13  LYS A C   1 
ATOM   108 O O   . LYS A 1 14 ? 3.395   3.207   -11.328 1.00 8.25  ? 13  LYS A O   1 
ATOM   109 C CB  . LYS A 1 14 ? 5.629   5.096   -10.119 1.00 10.75 ? 13  LYS A CB  1 
ATOM   110 C CG  . LYS A 1 14 ? 7.076   5.428   -9.816  1.00 13.39 ? 13  LYS A CG  1 
ATOM   111 C CD  . LYS A 1 14 ? 7.473   6.733   -10.444 1.00 19.71 ? 13  LYS A CD  1 
ATOM   112 C CE  . LYS A 1 14 ? 8.975   6.926   -10.378 1.00 22.77 ? 13  LYS A CE  1 
ATOM   113 N NZ  . LYS A 1 14 ? 9.710   5.869   -11.108 1.00 24.58 ? 13  LYS A NZ  1 
ATOM   114 N N   . GLY A 1 15 ? 3.011   3.526   -9.142  1.00 7.76  ? 14  GLY A N   1 
ATOM   115 C CA  . GLY A 1 15 ? 1.576   3.410   -9.341  1.00 8.02  ? 14  GLY A CA  1 
ATOM   116 C C   . GLY A 1 15 ? 0.832   3.473   -8.044  1.00 8.09  ? 14  GLY A C   1 
ATOM   117 O O   . GLY A 1 15 ? 1.412   3.757   -6.987  1.00 7.87  ? 14  GLY A O   1 
ATOM   118 N N   . GLU A 1 16 ? -0.470  3.245   -8.149  1.00 9.32  ? 15  GLU A N   1 
ATOM   119 C CA  . GLU A 1 16 ? -1.381  3.351   -7.017  1.00 11.08 ? 15  GLU A CA  1 
ATOM   120 C C   . GLU A 1 16 ? -2.475  2.317   -7.181  1.00 10.31 ? 15  GLU A C   1 
ATOM   121 O O   . GLU A 1 16 ? -2.911  2.031   -8.297  1.00 10.13 ? 15  GLU A O   1 
ATOM   122 C CB  . GLU A 1 16 ? -2.016  4.751   -6.960  1.00 11.90 ? 15  GLU A CB  1 
ATOM   123 C CG  . GLU A 1 16 ? -1.017  5.868   -6.591  1.00 14.92 ? 15  GLU A CG  1 
ATOM   124 C CD  . GLU A 1 16 ? -1.592  7.284   -6.536  1.00 16.47 ? 15  GLU A CD  1 
ATOM   125 O OE1 . GLU A 1 16 ? -2.782  7.487   -6.867  1.00 22.18 ? 15  GLU A OE1 1 
ATOM   126 O OE2 . GLU A 1 16 ? -0.831  8.209   -6.156  1.00 22.74 ? 15  GLU A OE2 1 
ATOM   127 N N   . THR A 1 17 ? -2.902  1.744   -6.063  1.00 9.87  ? 16  THR A N   1 
ATOM   128 C CA  . THR A 1 17 ? -4.000  0.789   -6.062  1.00 10.65 ? 16  THR A CA  1 
ATOM   129 C C   . THR A 1 17 ? -4.786  0.970   -4.763  1.00 9.26  ? 16  THR A C   1 
ATOM   130 O O   . THR A 1 17 ? -4.399  1.771   -3.898  1.00 9.40  ? 16  THR A O   1 
ATOM   131 C CB  . THR A 1 17 ? -3.521  -0.679  -6.318  1.00 10.29 ? 16  THR A CB  1 
ATOM   132 O OG1 . THR A 1 17 ? -4.661  -1.534  -6.508  1.00 13.51 ? 16  THR A OG1 1 
ATOM   133 C CG2 . THR A 1 17 ? -2.630  -1.222  -5.208  1.00 12.36 ? 16  THR A CG2 1 
ATOM   134 N N   . THR A 1 18 ? -5.889  0.240   -4.630  1.00 8.22  ? 17  THR A N   1 
ATOM   135 C CA  . THR A 1 18 ? -6.758  0.376   -3.472  1.00 7.81  ? 17  THR A CA  1 
ATOM   136 C C   . THR A 1 18 ? -7.276  -0.984  -3.061  1.00 7.14  ? 17  THR A C   1 
ATOM   137 O O   . THR A 1 18 ? -7.236  -1.945  -3.833  1.00 8.02  ? 17  THR A O   1 
ATOM   138 C CB  . THR A 1 18 ? -8.000  1.251   -3.763  1.00 7.90  ? 17  THR A CB  1 
ATOM   139 O OG1 . THR A 1 18 ? -8.785  0.651   -4.800  1.00 8.74  ? 17  THR A OG1 1 
ATOM   140 C CG2 . THR A 1 18 ? -7.606  2.656   -4.189  1.00 8.61  ? 17  THR A CG2 1 
ATOM   141 N N   . THR A 1 19 ? -7.769  -1.061  -1.829  1.00 7.55  ? 18  THR A N   1 
ATOM   142 C CA  . THR A 1 19 ? -8.518  -2.231  -1.395  1.00 7.81  ? 18  THR A CA  1 
ATOM   143 C C   . THR A 1 19 ? -9.506  -1.782  -0.338  1.00 7.71  ? 18  THR A C   1 
ATOM   144 O O   . THR A 1 19 ? -9.278  -0.788  0.355   1.00 7.67  ? 18  THR A O   1 
ATOM   145 C CB  . THR A 1 19 ? -7.607  -3.379  -0.866  1.00 8.78  ? 18  THR A CB  1 
ATOM   146 O OG1 . THR A 1 19 ? -8.348  -4.602  -0.850  1.00 11.10 ? 18  THR A OG1 1 
ATOM   147 C CG2 . THR A 1 19 ? -7.105  -3.084  0.521   1.00 9.15  ? 18  THR A CG2 1 
ATOM   148 N N   . GLU A 1 20 ? -10.610 -2.507  -0.219  1.00 7.23  ? 19  GLU A N   1 
ATOM   149 C CA  . GLU A 1 20 ? -11.567 -2.241  0.842   1.00 7.93  ? 19  GLU A CA  1 
ATOM   150 C C   . GLU A 1 20 ? -11.437 -3.289  1.926   1.00 8.20  ? 19  GLU A C   1 
ATOM   151 O O   . GLU A 1 20 ? -11.324 -4.473  1.640   1.00 9.11  ? 19  GLU A O   1 
ATOM   152 C CB  . GLU A 1 20 ? -12.984 -2.184  0.293   1.00 8.45  ? 19  GLU A CB  1 
ATOM   153 C CG  . GLU A 1 20 ? -13.133 -1.049  -0.708  1.00 9.01  ? 19  GLU A CG  1 
ATOM   154 C CD  . GLU A 1 20 ? -14.507 -0.950  -1.352  1.00 9.36  ? 19  GLU A CD  1 
ATOM   155 O OE1 . GLU A 1 20 ? -14.688 -0.051  -2.198  1.00 11.71 ? 19  GLU A OE1 1 
ATOM   156 O OE2 . GLU A 1 20 ? -15.406 -1.757  -1.037  1.00 11.72 ? 19  GLU A OE2 1 
ATOM   157 N N   . ALA A 1 21 ? -11.438 -2.840  3.173   1.00 7.24  ? 20  ALA A N   1 
ATOM   158 C CA  . ALA A 1 21 ? -11.234 -3.770  4.283   1.00 7.82  ? 20  ALA A CA  1 
ATOM   159 C C   . ALA A 1 21 ? -11.790 -3.217  5.567   1.00 8.20  ? 20  ALA A C   1 
ATOM   160 O O   . ALA A 1 21 ? -12.100 -2.027  5.665   1.00 8.14  ? 20  ALA A O   1 
ATOM   161 C CB  . ALA A 1 21 ? -9.764  -4.079  4.444   1.00 8.02  ? 20  ALA A CB  1 
ATOM   162 N N   . VAL A 1 22 ? -11.893 -4.091  6.567   1.00 8.92  ? 21  VAL A N   1 
ATOM   163 C CA  . VAL A 1 22 ? -12.439 -3.698  7.854   1.00 9.97  ? 21  VAL A CA  1 
ATOM   164 C C   . VAL A 1 22 ? -11.542 -2.659  8.544   1.00 9.19  ? 21  VAL A C   1 
ATOM   165 O O   . VAL A 1 22 ? -12.026 -1.794  9.268   1.00 9.87  ? 21  VAL A O   1 
ATOM   166 C CB  . VAL A 1 22 ? -12.698 -4.948  8.743   1.00 10.86 ? 21  VAL A CB  1 
ATOM   167 C CG1 . VAL A 1 22 ? -11.400 -5.695  9.045   1.00 11.91 ? 21  VAL A CG1 1 
ATOM   168 C CG2 . VAL A 1 22 ? -13.483 -4.585  10.011  1.00 13.43 ? 21  VAL A CG2 1 
ATOM   169 N N   . ASP A 1 23 ? -10.231 -2.739  8.311   1.00 7.98  ? 22  ASP A N   1 
ATOM   170 C CA  . ASP A 1 23 ? -9.280  -1.814  8.933   1.00 7.36  ? 22  ASP A CA  1 
ATOM   171 C C   . ASP A 1 23 ? -7.955  -1.803  8.192   1.00 6.58  ? 22  ASP A C   1 
ATOM   172 O O   . ASP A 1 23 ? -7.752  -2.613  7.277   1.00 6.42  ? 22  ASP A O   1 
ATOM   173 C CB  . ASP A 1 23 ? -9.060  -2.130  10.429  1.00 7.70  ? 22  ASP A CB  1 
ATOM   174 C CG  . ASP A 1 23 ? -8.729  -3.593  10.694  1.00 8.76  ? 22  ASP A CG  1 
ATOM   175 O OD1 . ASP A 1 23 ? -8.018  -4.231  9.883   1.00 9.41  ? 22  ASP A OD1 1 
ATOM   176 O OD2 . ASP A 1 23 ? -9.176  -4.107  11.758  1.00 10.43 ? 22  ASP A OD2 1 
ATOM   177 N N   . ALA A 1 24 ? -7.067  -0.875  8.558   1.00 6.78  ? 23  ALA A N   1 
ATOM   178 C CA  . ALA A 1 24 ? -5.793  -0.745  7.870   1.00 6.91  ? 23  ALA A CA  1 
ATOM   179 C C   . ALA A 1 24 ? -4.940  -2.006  7.990   1.00 7.43  ? 23  ALA A C   1 
ATOM   180 O O   . ALA A 1 24 ? -4.259  -2.369  7.024   1.00 8.01  ? 23  ALA A O   1 
ATOM   181 C CB  . ALA A 1 24 ? -5.037  0.471   8.380   1.00 7.47  ? 23  ALA A CB  1 
ATOM   182 N N   . ALA A 1 25 ? -4.965  -2.650  9.156   1.00 7.53  ? 24  ALA A N   1 
ATOM   183 C CA  . ALA A 1 25 ? -4.184  -3.881  9.348   1.00 7.67  ? 24  ALA A CA  1 
ATOM   184 C C   . ALA A 1 25 ? -4.564  -4.958  8.322   1.00 7.71  ? 24  ALA A C   1 
ATOM   185 O O   . ALA A 1 25 ? -3.695  -5.660  7.793   1.00 8.84  ? 24  ALA A O   1 
ATOM   186 C CB  . ALA A 1 25 ? -4.386  -4.422  10.756  1.00 8.68  ? 24  ALA A CB  1 
ATOM   187 N N   . THR A 1 26 ? -5.857  -5.076  8.044   1.00 7.24  ? 25  THR A N   1 
ATOM   188 C CA  . THR A 1 26 ? -6.342  -6.097  7.132   1.00 7.95  ? 25  THR A CA  1 
ATOM   189 C C   . THR A 1 26 ? -5.983  -5.712  5.697   1.00 7.36  ? 25  THR A C   1 
ATOM   190 O O   . THR A 1 26 ? -5.488  -6.534  4.927   1.00 8.01  ? 25  THR A O   1 
ATOM   191 C CB  . THR A 1 26 ? -7.855  -6.300  7.324   1.00 8.08  ? 25  THR A CB  1 
ATOM   192 O OG1 . THR A 1 26 ? -8.110  -6.628  8.693   1.00 9.52  ? 25  THR A OG1 1 
ATOM   193 C CG2 . THR A 1 26 ? -8.399  -7.394  6.416   1.00 9.42  ? 25  THR A CG2 1 
ATOM   194 N N   . ALA A 1 27 ? -6.173  -4.436  5.362   1.00 6.77  ? 26  ALA A N   1 
ATOM   195 C CA  . ALA A 1 27 ? -5.792  -3.939  4.037   1.00 6.28  ? 26  ALA A CA  1 
ATOM   196 C C   . ALA A 1 27 ? -4.300  -4.115  3.780   1.00 6.51  ? 26  ALA A C   1 
ATOM   197 O O   . ALA A 1 27 ? -3.884  -4.420  2.661   1.00 6.93  ? 26  ALA A O   1 
ATOM   198 C CB  . ALA A 1 27 ? -6.175  -2.478  3.889   1.00 7.32  ? 26  ALA A CB  1 
ATOM   199 N N   . GLU A 1 28 ? -3.493  -3.932  4.820   1.00 6.55  ? 27  GLU A N   1 
ATOM   200 C CA  . GLU A 1 28 ? -2.050  -3.973  4.652   1.00 7.23  ? 27  GLU A CA  1 
ATOM   201 C C   . GLU A 1 28 ? -1.572  -5.343  4.170   1.00 7.44  ? 27  GLU A C   1 
ATOM   202 O O   . GLU A 1 28 ? -0.581  -5.439  3.453   1.00 7.09  ? 27  GLU A O   1 
ATOM   203 C CB  . GLU A 1 28 ? -1.345  -3.556  5.940   1.00 7.99  ? 27  GLU A CB  1 
ATOM   204 C CG  . GLU A 1 28 ? 0.115   -3.218  5.713   1.00 10.40 ? 27  GLU A CG  1 
ATOM   205 C CD  . GLU A 1 28 ? 0.810   -2.644  6.921   1.00 13.70 ? 27  GLU A CD  1 
ATOM   206 O OE1 . GLU A 1 28 ? 1.962   -2.191  6.741   1.00 14.36 ? 27  GLU A OE1 1 
ATOM   207 O OE2 . GLU A 1 28 ? 0.208   -2.606  8.020   1.00 13.92 ? 27  GLU A OE2 1 
ATOM   208 N N   . LYS A 1 29 ? -2.297  -6.397  4.530   1.00 7.55  ? 28  LYS A N   1 
ATOM   209 C CA  . LYS A 1 29 ? -1.940  -7.736  4.050   1.00 7.58  ? 28  LYS A CA  1 
ATOM   210 C C   . LYS A 1 29 ? -1.994  -7.824  2.529   1.00 7.27  ? 28  LYS A C   1 
ATOM   211 O O   . LYS A 1 29 ? -1.121  -8.434  1.895   1.00 7.39  ? 28  LYS A O   1 
ATOM   212 C CB  . LYS A 1 29 ? -2.839  -8.797  4.668   1.00 8.39  ? 28  LYS A CB  1 
ATOM   213 C CG  . LYS A 1 29 ? -2.846  -8.786  6.176   1.00 9.68  ? 28  LYS A CG  1 
ATOM   214 C CD  . LYS A 1 29 ? -3.674  -9.927  6.724   1.00 10.60 ? 28  LYS A CD  1 
ATOM   215 C CE  . LYS A 1 29 ? -3.879  -9.802  8.231   1.00 11.44 ? 28  LYS A CE  1 
ATOM   216 N NZ  . LYS A 1 29 ? -2.605  -9.680  9.003   1.00 14.94 ? 28  LYS A NZ  1 
ATOM   217 N N   . VAL A 1 30 ? -3.020  -7.205  1.942   1.00 6.35  ? 29  VAL A N   1 
ATOM   218 C CA  . VAL A 1 30 ? -3.168  -7.185  0.482   1.00 7.06  ? 29  VAL A CA  1 
ATOM   219 C C   . VAL A 1 30 ? -2.035  -6.371  -0.151  1.00 6.46  ? 29  VAL A C   1 
ATOM   220 O O   . VAL A 1 30 ? -1.436  -6.759  -1.156  1.00 5.85  ? 29  VAL A O   1 
ATOM   221 C CB  . VAL A 1 30 ? -4.548  -6.585  0.082   1.00 7.71  ? 29  VAL A CB  1 
ATOM   222 C CG1 . VAL A 1 30 ? -4.677  -6.495  -1.427  1.00 9.24  ? 29  VAL A CG1 1 
ATOM   223 C CG2 . VAL A 1 30 ? -5.670  -7.436  0.691   1.00 10.46 ? 29  VAL A CG2 1 
ATOM   224 N N   . PHE A 1 31 ? -1.738  -5.238  0.463   1.00 6.01  ? 30  PHE A N   1 
ATOM   225 C CA  . PHE A 1 31 ? -0.731  -4.339  -0.053  1.00 5.73  ? 30  PHE A CA  1 
ATOM   226 C C   . PHE A 1 31 ? 0.689   -4.898  0.057   1.00 6.41  ? 30  PHE A C   1 
ATOM   227 O O   . PHE A 1 31 ? 1.491   -4.716  -0.867  1.00 6.20  ? 30  PHE A O   1 
ATOM   228 C CB  . PHE A 1 31 ? -0.838  -2.987  0.657   1.00 6.15  ? 30  PHE A CB  1 
ATOM   229 C CG  . PHE A 1 31 ? -2.110  -2.222  0.350   1.00 6.05  ? 30  PHE A CG  1 
ATOM   230 C CD1 . PHE A 1 31 ? -2.863  -2.491  -0.800  1.00 6.61  ? 30  PHE A CD1 1 
ATOM   231 C CD2 . PHE A 1 31 ? -2.516  -1.197  1.191   1.00 5.49  ? 30  PHE A CD2 1 
ATOM   232 C CE1 . PHE A 1 31 ? -4.006  -1.753  -1.090  1.00 7.21  ? 30  PHE A CE1 1 
ATOM   233 C CE2 . PHE A 1 31 ? -3.655  -0.451  0.914   1.00 6.90  ? 30  PHE A CE2 1 
ATOM   234 C CZ  . PHE A 1 31 ? -4.391  -0.719  -0.228  1.00 7.08  ? 30  PHE A CZ  1 
ATOM   235 N N   . LYS A 1 32 ? 0.990   -5.586  1.164   1.00 5.73  ? 31  LYS A N   1 
ATOM   236 C CA  . LYS A 1 32 ? 2.281   -6.255  1.334   1.00 6.18  ? 31  LYS A CA  1 
ATOM   237 C C   . LYS A 1 32 ? 2.409   -7.363  0.296   1.00 6.04  ? 31  LYS A C   1 
ATOM   238 O O   . LYS A 1 32 ? 3.439   -7.496  -0.365  1.00 6.53  ? 31  LYS A O   1 
ATOM   239 C CB  . LYS A 1 32 ? 2.416   -6.825  2.744   1.00 6.10  ? 31  LYS A CB  1 
ATOM   240 C CG  . LYS A 1 32 ? 2.604   -5.739  3.782   1.00 6.88  ? 31  LYS A CG  1 
ATOM   241 C CD  . LYS A 1 32 ? 4.072   -5.390  4.009   1.00 6.74  ? 31  LYS A CD  1 
ATOM   242 C CE  . LYS A 1 32 ? 4.198   -4.231  5.002   1.00 7.34  ? 31  LYS A CE  1 
ATOM   243 N NZ  . LYS A 1 32 ? 5.615   -4.140  5.486   1.00 8.77  ? 31  LYS A NZ  1 
ATOM   244 N N   . GLN A 1 33 ? 1.352   -8.155  0.125   1.00 5.97  ? 32  GLN A N   1 
ATOM   245 C CA  . GLN A 1 33 ? 1.340   -9.161  -0.933  1.00 6.38  ? 32  GLN A CA  1 
ATOM   246 C C   . GLN A 1 33 ? 1.698   -8.539  -2.285  1.00 6.62  ? 32  GLN A C   1 
ATOM   247 O O   . GLN A 1 33 ? 2.538   -9.071  -3.031  1.00 7.10  ? 32  GLN A O   1 
ATOM   248 C CB  . GLN A 1 33 ? -0.037  -9.836  -0.999  1.00 6.63  ? 32  GLN A CB  1 
ATOM   249 C CG  . GLN A 1 33 ? -0.213  -10.890 -2.085  1.00 7.07  ? 32  GLN A CG  1 
ATOM   250 C CD  . GLN A 1 33 ? -1.681  -11.122 -2.373  1.00 9.19  ? 32  GLN A CD  1 
ATOM   251 O OE1 . GLN A 1 33 ? -2.311  -10.315 -3.060  1.00 11.45 ? 32  GLN A OE1 1 
ATOM   252 N NE2 . GLN A 1 33 ? -2.239  -12.210 -1.841  1.00 8.60  ? 32  GLN A NE2 1 
ATOM   253 N N   . TYR A 1 34 ? 1.082   -7.399  -2.588  1.00 6.38  ? 33  TYR A N   1 
ATOM   254 C CA  . TYR A 1 34 ? 1.269   -6.739  -3.869  1.00 6.62  ? 33  TYR A CA  1 
ATOM   255 C C   . TYR A 1 34 ? 2.706   -6.253  -4.062  1.00 6.53  ? 33  TYR A C   1 
ATOM   256 O O   . TYR A 1 34 ? 3.348   -6.541  -5.077  1.00 6.89  ? 33  TYR A O   1 
ATOM   257 C CB  . TYR A 1 34 ? 0.307   -5.551  -4.022  1.00 7.41  ? 33  TYR A CB  1 
ATOM   258 C CG  . TYR A 1 34 ? 0.245   -5.107  -5.452  1.00 9.81  ? 33  TYR A CG  1 
ATOM   259 C CD1 . TYR A 1 34 ? -0.630  -5.728  -6.338  1.00 10.63 ? 33  TYR A CD1 1 
ATOM   260 C CD2 . TYR A 1 34 ? 1.113   -4.134  -5.948  1.00 11.06 ? 33  TYR A CD2 1 
ATOM   261 C CE1 . TYR A 1 34 ? -0.677  -5.393  -7.667  1.00 14.54 ? 33  TYR A CE1 1 
ATOM   262 C CE2 . TYR A 1 34 ? 1.068   -3.783  -7.303  1.00 13.45 ? 33  TYR A CE2 1 
ATOM   263 C CZ  . TYR A 1 34 ? 0.166   -4.428  -8.146  1.00 12.20 ? 33  TYR A CZ  1 
ATOM   264 O OH  . TYR A 1 34 ? 0.073   -4.136  -9.495  1.00 14.18 ? 33  TYR A OH  1 
ATOM   265 N N   . ALA A 1 35 ? 3.199   -5.491  -3.094  1.00 7.02  ? 34  ALA A N   1 
ATOM   266 C CA  . ALA A 1 35 ? 4.547   -4.928  -3.206  1.00 6.91  ? 34  ALA A CA  1 
ATOM   267 C C   . ALA A 1 35 ? 5.607   -6.026  -3.270  1.00 7.74  ? 34  ALA A C   1 
ATOM   268 O O   . ALA A 1 35 ? 6.537   -5.968  -4.089  1.00 8.00  ? 34  ALA A O   1 
ATOM   269 C CB  . ALA A 1 35 ? 4.830   -3.974  -2.042  1.00 7.88  ? 34  ALA A CB  1 
ATOM   270 N N   . ASN A 1 36 ? 5.463   -7.030  -2.416  1.00 8.79  ? 35  ASN A N   1 
ATOM   271 C CA  . ASN A 1 36 ? 6.426   -8.106  -2.363  1.00 9.82  ? 35  ASN A CA  1 
ATOM   272 C C   . ASN A 1 36 ? 6.468   -8.878  -3.681  1.00 10.50 ? 35  ASN A C   1 
ATOM   273 O O   . ASN A 1 36 ? 7.559   -9.127  -4.217  1.00 10.75 ? 35  ASN A O   1 
ATOM   274 C CB  . ASN A 1 36 ? 6.110   -9.028  -1.191  1.00 9.91  ? 35  ASN A CB  1 
ATOM   275 C CG  . ASN A 1 36 ? 7.155   -10.086 -1.005  1.00 13.57 ? 35  ASN A CG  1 
ATOM   276 O OD1 . ASN A 1 36 ? 8.318   -9.780  -0.784  1.00 15.68 ? 35  ASN A OD1 1 
ATOM   277 N ND2 . ASN A 1 36 ? 6.754   -11.343 -1.141  1.00 15.88 ? 35  ASN A ND2 1 
ATOM   278 N N   . GLU A 1 37 ? 5.300   -9.232  -4.224  1.00 10.60 ? 36  GLU A N   1 
ATOM   279 C CA  . GLU A 1 37 ? 5.262   -10.052 -5.439  1.00 11.49 ? 36  GLU A CA  1 
ATOM   280 C C   . GLU A 1 37 ? 5.732   -9.280  -6.674  1.00 10.97 ? 36  GLU A C   1 
ATOM   281 O O   . GLU A 1 37 ? 6.156   -9.889  -7.660  1.00 12.82 ? 36  GLU A O   1 
ATOM   282 C CB  . GLU A 1 37 ? 3.871   -10.656 -5.662  1.00 11.88 ? 36  GLU A CB  1 
ATOM   283 C CG  . GLU A 1 37 ? 2.879   -9.681  -6.248  1.00 13.50 ? 36  GLU A CG  1 
ATOM   284 C CD  . GLU A 1 37 ? 1.427   -10.093 -6.076  1.00 15.43 ? 36  GLU A CD  1 
ATOM   285 O OE1 . GLU A 1 37 ? 1.137   -11.242 -5.664  1.00 17.88 ? 36  GLU A OE1 1 
ATOM   286 O OE2 . GLU A 1 37 ? 0.569   -9.235  -6.350  1.00 14.50 ? 36  GLU A OE2 1 
ATOM   287 N N   . HIS A 1 38 ? 5.645   -7.951  -6.631  1.00 9.30  ? 37  HIS A N   1 
ATOM   288 C CA  . HIS A 1 38 ? 6.064   -7.113  -7.758  1.00 9.60  ? 37  HIS A CA  1 
ATOM   289 C C   . HIS A 1 38 ? 7.472   -6.530  -7.607  1.00 9.29  ? 37  HIS A C   1 
ATOM   290 O O   . HIS A 1 38 ? 7.869   -5.666  -8.396  1.00 9.52  ? 37  HIS A O   1 
ATOM   291 C CB  . HIS A 1 38 ? 5.048   -6.003  -8.016  1.00 9.71  ? 37  HIS A CB  1 
ATOM   292 C CG  . HIS A 1 38 ? 3.755   -6.505  -8.573  1.00 10.49 ? 37  HIS A CG  1 
ATOM   293 N ND1 . HIS A 1 38 ? 3.587   -6.780  -9.912  1.00 13.05 ? 37  HIS A ND1 1 
ATOM   294 C CD2 . HIS A 1 38 ? 2.581   -6.810  -7.974  1.00 11.45 ? 37  HIS A CD2 1 
ATOM   295 C CE1 . HIS A 1 38 ? 2.359   -7.222  -10.117 1.00 13.42 ? 37  HIS A CE1 1 
ATOM   296 N NE2 . HIS A 1 38 ? 1.730   -7.255  -8.957  1.00 13.64 ? 37  HIS A NE2 1 
ATOM   297 N N   . GLY A 1 39 ? 8.195   -6.986  -6.589  1.00 9.76  ? 38  GLY A N   1 
ATOM   298 C CA  . GLY A 1 39 ? 9.569   -6.561  -6.348  1.00 10.36 ? 38  GLY A CA  1 
ATOM   299 C C   . GLY A 1 39 ? 9.742   -5.065  -6.174  1.00 10.30 ? 38  GLY A C   1 
ATOM   300 O O   . GLY A 1 39 ? 10.778  -4.521  -6.560  1.00 11.34 ? 38  GLY A O   1 
ATOM   301 N N   . VAL A 1 40 ? 8.743   -4.390  -5.589  1.00 9.78  ? 39  VAL A N   1 
ATOM   302 C CA  . VAL A 1 40 ? 8.824   -2.948  -5.327  1.00 9.46  ? 39  VAL A CA  1 
ATOM   303 C C   . VAL A 1 40 ? 8.613   -2.632  -3.844  1.00 9.04  ? 39  VAL A C   1 
ATOM   304 O O   . VAL A 1 40 ? 8.167   -1.549  -3.464  1.00 10.27 ? 39  VAL A O   1 
ATOM   305 C CB  . VAL A 1 40 ? 7.856   -2.106  -6.204  1.00 9.43  ? 39  VAL A CB  1 
ATOM   306 C CG1 . VAL A 1 40 ? 8.338   -2.074  -7.644  1.00 11.11 ? 39  VAL A CG1 1 
ATOM   307 C CG2 . VAL A 1 40 ? 6.447   -2.632  -6.141  1.00 10.31 ? 39  VAL A CG2 1 
ATOM   308 N N   . ASP A 1 41 ? 8.945   -3.601  -3.004  1.00 8.66  ? 40  ASP A N   1 
ATOM   309 C CA  . ASP A 1 41 ? 8.814   -3.426  -1.570  1.00 7.90  ? 40  ASP A CA  1 
ATOM   310 C C   . ASP A 1 41 ? 9.920   -2.486  -1.079  1.00 8.58  ? 40  ASP A C   1 
ATOM   311 O O   . ASP A 1 41 ? 10.903  -2.237  -1.773  1.00 8.59  ? 40  ASP A O   1 
ATOM   312 C CB  . ASP A 1 41 ? 8.867   -4.800  -0.898  1.00 8.11  ? 40  ASP A CB  1 
ATOM   313 C CG  . ASP A 1 41 ? 8.112   -4.849  0.409   1.00 7.92  ? 40  ASP A CG  1 
ATOM   314 O OD1 . ASP A 1 41 ? 8.059   -5.949  1.001   1.00 9.85  ? 40  ASP A OD1 1 
ATOM   315 O OD2 . ASP A 1 41 ? 7.565   -3.817  0.838   1.00 8.56  ? 40  ASP A OD2 1 
ATOM   316 N N   . GLY A 1 42 ? 9.763   -1.966  0.130   1.00 7.65  ? 41  GLY A N   1 
ATOM   317 C CA  . GLY A 1 42 ? 10.678  -0.943  0.644   1.00 8.07  ? 41  GLY A CA  1 
ATOM   318 C C   . GLY A 1 42 ? 10.132  -0.386  1.943   1.00 7.93  ? 41  GLY A C   1 
ATOM   319 O O   . GLY A 1 42 ? 9.461   -1.102  2.693   1.00 8.06  ? 41  GLY A O   1 
ATOM   320 N N   . GLU A 1 43 ? 10.395  0.884   2.206   1.00 8.46  ? 42  GLU A N   1 
ATOM   321 C CA  . GLU A 1 43 ? 9.951   1.491   3.453   1.00 8.39  ? 42  GLU A CA  1 
ATOM   322 C C   . GLU A 1 43 ? 8.482   1.899   3.420   1.00 8.57  ? 42  GLU A C   1 
ATOM   323 O O   . GLU A 1 43 ? 8.036   2.587   2.489   1.00 9.14  ? 42  GLU A O   1 
ATOM   324 C CB  . GLU A 1 43 ? 10.794  2.717   3.777   1.00 9.71  ? 42  GLU A CB  1 
ATOM   325 C CG  . GLU A 1 43 ? 12.205  2.423   4.222   1.00 12.31 ? 42  GLU A CG  1 
ATOM   326 C CD  . GLU A 1 43 ? 12.890  3.670   4.733   1.00 15.72 ? 42  GLU A CD  1 
ATOM   327 O OE1 . GLU A 1 43 ? 13.924  4.058   4.140   1.00 19.28 ? 42  GLU A OE1 1 
ATOM   328 O OE2 . GLU A 1 43 ? 12.392  4.257   5.732   1.00 17.29 ? 42  GLU A OE2 1 
ATOM   329 N N   . TRP A 1 44 ? 7.749   1.513   4.467   1.00 7.58  ? 43  TRP A N   1 
ATOM   330 C CA  . TRP A 1 44 ? 6.320   1.744   4.570   1.00 7.88  ? 43  TRP A CA  1 
ATOM   331 C C   . TRP A 1 44 ? 5.995   2.900   5.487   1.00 8.05  ? 43  TRP A C   1 
ATOM   332 O O   . TRP A 1 44 ? 6.596   3.059   6.551   1.00 8.77  ? 43  TRP A O   1 
ATOM   333 C CB  . TRP A 1 44 ? 5.620   0.492   5.098   1.00 8.00  ? 43  TRP A CB  1 
ATOM   334 C CG  . TRP A 1 44 ? 5.583   -0.599  4.077   1.00 6.71  ? 43  TRP A CG  1 
ATOM   335 C CD1 . TRP A 1 44 ? 6.627   -1.380  3.681   1.00 7.59  ? 43  TRP A CD1 1 
ATOM   336 C CD2 . TRP A 1 44 ? 4.459   -0.998  3.283   1.00 6.92  ? 43  TRP A CD2 1 
ATOM   337 N NE1 . TRP A 1 44 ? 6.229   -2.243  2.684   1.00 7.34  ? 43  TRP A NE1 1 
ATOM   338 C CE2 . TRP A 1 44 ? 4.901   -2.024  2.422   1.00 6.97  ? 43  TRP A CE2 1 
ATOM   339 C CE3 . TRP A 1 44 ? 3.122   -0.573  3.201   1.00 7.78  ? 43  TRP A CE3 1 
ATOM   340 C CZ2 . TRP A 1 44 ? 4.055   -2.655  1.519   1.00 7.22  ? 43  TRP A CZ2 1 
ATOM   341 C CZ3 . TRP A 1 44 ? 2.283   -1.202  2.296   1.00 9.31  ? 43  TRP A CZ3 1 
ATOM   342 C CH2 . TRP A 1 44 ? 2.749   -2.236  1.474   1.00 8.41  ? 43  TRP A CH2 1 
ATOM   343 N N   . THR A 1 45 ? 5.016   3.694   5.076   1.00 7.84  ? 44  THR A N   1 
ATOM   344 C CA  . THR A 1 45 ? 4.404   4.697   5.928   1.00 9.01  ? 44  THR A CA  1 
ATOM   345 C C   . THR A 1 45 ? 2.885   4.567   5.822   1.00 8.51  ? 44  THR A C   1 
ATOM   346 O O   . THR A 1 45 ? 2.355   4.222   4.763   1.00 10.70 ? 44  THR A O   1 
ATOM   347 C CB  . THR A 1 45 ? 4.815   6.113   5.516   1.00 9.56  ? 44  THR A CB  1 
ATOM   348 O OG1 . THR A 1 45 ? 4.341   6.374   4.204   1.00 14.04 ? 44  THR A OG1 1 
ATOM   349 C CG2 . THR A 1 45 ? 6.312   6.247   5.519   1.00 8.24  ? 44  THR A CG2 1 
ATOM   350 N N   . TYR A 1 46 ? 2.180   4.784   6.917   1.00 7.34  ? 45  TYR A N   1 
ATOM   351 C CA  . TYR A 1 46 ? 0.724   4.788   6.891   1.00 6.81  ? 45  TYR A CA  1 
ATOM   352 C C   . TYR A 1 46 ? 0.245   6.151   7.372   1.00 7.27  ? 45  TYR A C   1 
ATOM   353 O O   . TYR A 1 46 ? 0.757   6.663   8.370   1.00 8.11  ? 45  TYR A O   1 
ATOM   354 C CB  . TYR A 1 46 ? 0.137   3.672   7.784   1.00 6.43  ? 45  TYR A CB  1 
ATOM   355 C CG  . TYR A 1 46 ? -1.375  3.722   7.806   1.00 5.44  ? 45  TYR A CG  1 
ATOM   356 C CD1 . TYR A 1 46 ? -2.109  3.553   6.632   1.00 5.39  ? 45  TYR A CD1 1 
ATOM   357 C CD2 . TYR A 1 46 ? -2.077  3.943   8.996   1.00 5.80  ? 45  TYR A CD2 1 
ATOM   358 C CE1 . TYR A 1 46 ? -3.471  3.611   6.633   1.00 5.25  ? 45  TYR A CE1 1 
ATOM   359 C CE2 . TYR A 1 46 ? -3.462  4.017   9.002   1.00 6.06  ? 45  TYR A CE2 1 
ATOM   360 C CZ  . TYR A 1 46 ? -4.158  3.840   7.813   1.00 5.77  ? 45  TYR A CZ  1 
ATOM   361 O OH  . TYR A 1 46 ? -5.529  3.894   7.812   1.00 6.81  ? 45  TYR A OH  1 
ATOM   362 N N   . ASP A 1 47 ? -0.718  6.735   6.663   1.00 7.36  ? 46  ASP A N   1 
ATOM   363 C CA  . ASP A 1 47 ? -1.344  8.010   7.030   1.00 7.99  ? 46  ASP A CA  1 
ATOM   364 C C   . ASP A 1 47 ? -2.820  7.771   7.371   1.00 7.80  ? 46  ASP A C   1 
ATOM   365 O O   . ASP A 1 47 ? -3.640  7.601   6.474   1.00 7.55  ? 46  ASP A O   1 
ATOM   366 C CB  . ASP A 1 47 ? -1.219  9.013   5.875   1.00 8.24  ? 46  ASP A CB  1 
ATOM   367 C CG  . ASP A 1 47 ? -2.006  10.295  6.118   1.00 9.63  ? 46  ASP A CG  1 
ATOM   368 O OD1 . ASP A 1 47 ? -2.411  10.538  7.267   1.00 9.49  ? 46  ASP A OD1 1 
ATOM   369 O OD2 . ASP A 1 47 ? -2.190  11.066  5.155   1.00 13.93 ? 46  ASP A OD2 1 
ATOM   370 N N   . PRO A 1 48 ? -3.162  7.738   8.668   1.00 7.67  ? 47  PRO A N   1 
ATOM   371 C CA  . PRO A 1 48 ? -4.566  7.532   9.035   1.00 8.13  ? 47  PRO A CA  1 
ATOM   372 C C   . PRO A 1 48 ? -5.547  8.541   8.439   1.00 8.30  ? 47  PRO A C   1 
ATOM   373 O O   . PRO A 1 48 ? -6.695  8.201   8.216   1.00 8.41  ? 47  PRO A O   1 
ATOM   374 C CB  . PRO A 1 48 ? -4.552  7.669   10.555  1.00 8.26  ? 47  PRO A CB  1 
ATOM   375 C CG  . PRO A 1 48 ? -3.179  7.317   10.961  1.00 7.94  ? 47  PRO A CG  1 
ATOM   376 C CD  . PRO A 1 48 ? -2.287  7.810   9.852   1.00 8.17  ? 47  PRO A CD  1 
ATOM   377 N N   . GLU A 1 49 ? -5.104  9.774   8.187   1.00 9.20  ? 48  GLU A N   1 
ATOM   378 C CA  . GLU A 1 49 ? -6.016  10.808  7.682   1.00 10.31 ? 48  GLU A CA  1 
ATOM   379 C C   . GLU A 1 49 ? -6.573  10.533  6.302   1.00 10.27 ? 48  GLU A C   1 
ATOM   380 O O   . GLU A 1 49 ? -7.681  10.970  5.965   1.00 11.61 ? 48  GLU A O   1 
ATOM   381 C CB  . GLU A 1 49 ? -5.328  12.173  7.647   1.00 10.96 ? 48  GLU A CB  1 
ATOM   382 C CG  . GLU A 1 49 ? -4.928  12.707  8.996   1.00 15.30 ? 48  GLU A CG  1 
ATOM   383 C CD  . GLU A 1 49 ? -6.103  12.985  9.919   1.00 18.80 ? 48  GLU A CD  1 
ATOM   384 O OE1 . GLU A 1 49 ? -7.253  13.160  9.444   1.00 20.14 ? 48  GLU A OE1 1 
ATOM   385 O OE2 . GLU A 1 49 ? -5.848  13.037  11.135  1.00 23.32 ? 48  GLU A OE2 1 
ATOM   386 N N   . THR A 1 50 ? -5.771  9.861   5.485   1.00 9.19  ? 49  THR A N   1 
ATOM   387 C CA  . THR A 1 50 ? -6.159  9.554   4.114   1.00 9.32  ? 49  THR A CA  1 
ATOM   388 C C   . THR A 1 50 ? -6.297  8.043   3.892   1.00 8.92  ? 49  THR A C   1 
ATOM   389 O O   . THR A 1 50 ? -6.549  7.590   2.768   1.00 9.01  ? 49  THR A O   1 
ATOM   390 C CB  . THR A 1 50 ? -5.122  10.090  3.126   1.00 8.81  ? 49  THR A CB  1 
ATOM   391 O OG1 . THR A 1 50 ? -3.854  9.497   3.414   1.00 9.79  ? 49  THR A OG1 1 
ATOM   392 C CG2 . THR A 1 50 ? -5.003  11.612  3.233   1.00 10.54 ? 49  THR A CG2 1 
ATOM   393 N N   . LYS A 1 51 ? -6.116  7.264   4.964   1.00 8.19  ? 50  LYS A N   1 
ATOM   394 C CA  . LYS A 1 51 ? -6.104  5.798   4.894   1.00 8.33  ? 50  LYS A CA  1 
ATOM   395 C C   . LYS A 1 51 ? -5.180  5.328   3.760   1.00 8.08  ? 50  LYS A C   1 
ATOM   396 O O   . LYS A 1 51 ? -5.518  4.413   3.001   1.00 8.72  ? 50  LYS A O   1 
ATOM   397 C CB  . LYS A 1 51 ? -7.525  5.232   4.766   1.00 8.49  ? 50  LYS A CB  1 
ATOM   398 C CG  . LYS A 1 51 ? -8.402  5.567   5.974   1.00 9.03  ? 50  LYS A CG  1 
ATOM   399 C CD  . LYS A 1 51 ? -9.719  4.832   5.942   1.00 9.94  ? 50  LYS A CD  1 
ATOM   400 C CE  . LYS A 1 51 ? -10.535 5.146   7.189   1.00 10.20 ? 50  LYS A CE  1 
ATOM   401 N NZ  . LYS A 1 51 ? -10.980 6.562   7.176   1.00 13.57 ? 50  LYS A NZ  1 
ATOM   402 N N   . THR A 1 52 ? -4.016  5.973   3.660   1.00 8.11  ? 51  THR A N   1 
ATOM   403 C CA  . THR A 1 52 ? -3.059  5.685   2.600   1.00 8.49  ? 51  THR A CA  1 
ATOM   404 C C   . THR A 1 52 ? -1.750  5.122   3.133   1.00 8.39  ? 51  THR A C   1 
ATOM   405 O O   . THR A 1 52 ? -1.124  5.712   4.015   1.00 7.85  ? 51  THR A O   1 
ATOM   406 C CB  . THR A 1 52 ? -2.777  6.938   1.742   1.00 9.60  ? 51  THR A CB  1 
ATOM   407 O OG1 . THR A 1 52 ? -4.000  7.369   1.152   1.00 10.60 ? 51  THR A OG1 1 
ATOM   408 C CG2 . THR A 1 52 ? -1.780  6.628   0.635   1.00 10.18 ? 51  THR A CG2 1 
ATOM   409 N N   . PHE A 1 53 ? -1.354  3.976   2.589   1.00 7.63  ? 52  PHE A N   1 
ATOM   410 C CA  . PHE A 1 53 ? -0.020  3.430   2.757   1.00 7.40  ? 52  PHE A CA  1 
ATOM   411 C C   . PHE A 1 53 ? 0.835   3.899   1.599   1.00 7.24  ? 52  PHE A C   1 
ATOM   412 O O   . PHE A 1 53 ? 0.390   3.906   0.445   1.00 7.96  ? 52  PHE A O   1 
ATOM   413 C CB  . PHE A 1 53 ? -0.057  1.903   2.732   1.00 7.49  ? 52  PHE A CB  1 
ATOM   414 C CG  . PHE A 1 53 ? -0.709  1.273   3.938   1.00 6.83  ? 52  PHE A CG  1 
ATOM   415 C CD1 . PHE A 1 53 ? -2.068  0.954   3.940   1.00 8.47  ? 52  PHE A CD1 1 
ATOM   416 C CD2 . PHE A 1 53 ? 0.051   0.962   5.064   1.00 7.19  ? 52  PHE A CD2 1 
ATOM   417 C CE1 . PHE A 1 53 ? -2.648  0.338   5.061   1.00 8.94  ? 52  PHE A CE1 1 
ATOM   418 C CE2 . PHE A 1 53 ? -0.534  0.356   6.177   1.00 9.01  ? 52  PHE A CE2 1 
ATOM   419 C CZ  . PHE A 1 53 ? -1.882  0.049   6.161   1.00 9.08  ? 52  PHE A CZ  1 
ATOM   420 N N   . THR A 1 54 ? 2.074   4.245   1.898   1.00 7.72  ? 53  THR A N   1 
ATOM   421 C CA  . THR A 1 54 ? 3.061   4.525   0.878   1.00 8.58  ? 53  THR A CA  1 
ATOM   422 C C   . THR A 1 54 ? 4.237   3.562   1.062   1.00 8.55  ? 53  THR A C   1 
ATOM   423 O O   . THR A 1 54 ? 4.696   3.343   2.187   1.00 9.59  ? 53  THR A O   1 
ATOM   424 C CB  . THR A 1 54 ? 3.523   5.986   0.999   1.00 8.80  ? 53  THR A CB  1 
ATOM   425 O OG1 . THR A 1 54 ? 2.385   6.848   0.875   1.00 11.36 ? 53  THR A OG1 1 
ATOM   426 C CG2 . THR A 1 54 ? 4.528   6.335   -0.078  1.00 11.06 ? 53  THR A CG2 1 
ATOM   427 N N   . VAL A 1 55 ? 4.710   2.978   -0.030  1.00 8.27  ? 54  VAL A N   1 
ATOM   428 C CA  . VAL A 1 55 ? 5.884   2.119   0.009   1.00 8.18  ? 54  VAL A CA  1 
ATOM   429 C C   . VAL A 1 55 ? 6.917   2.677   -0.965  1.00 8.41  ? 54  VAL A C   1 
ATOM   430 O O   . VAL A 1 55 ? 6.633   2.848   -2.153  1.00 7.49  ? 54  VAL A O   1 
ATOM   431 C CB  . VAL A 1 55 ? 5.554   0.594   -0.230  1.00 8.30  ? 54  VAL A CB  1 
ATOM   432 C CG1 . VAL A 1 55 ? 4.826   0.340   -1.553  1.00 10.13 ? 54  VAL A CG1 1 
ATOM   433 C CG2 . VAL A 1 55 ? 6.836   -0.246  -0.140  1.00 8.89  ? 54  VAL A CG2 1 
ATOM   434 N N   . THR A 1 56 ? 8.106   2.971   -0.451  1.00 9.28  ? 55  THR A N   1 
ATOM   435 C CA  . THR A 1 56 ? 9.141   3.618   -1.248  1.00 9.38  ? 55  THR A CA  1 
ATOM   436 C C   . THR A 1 56 ? 10.326  2.674   -1.347  1.00 10.12 ? 55  THR A C   1 
ATOM   437 O O   . THR A 1 56 ? 10.938  2.321   -0.332  1.00 10.53 ? 55  THR A O   1 
ATOM   438 C CB  . THR A 1 56 ? 9.506   5.009   -0.668  1.00 8.93  ? 55  THR A CB  1 
ATOM   439 O OG1 . THR A 1 56 ? 8.352   5.855   -0.725  1.00 10.58 ? 55  THR A OG1 1 
ATOM   440 C CG2 . THR A 1 56 ? 10.637  5.666   -1.477  1.00 9.54  ? 55  THR A CG2 1 
ATOM   441 N N   . GLU A 1 57 ? 10.617  2.242   -2.572  1.00 10.26 ? 56  GLU A N   1 
ATOM   442 C CA  . GLU A 1 57 ? 11.643  1.245   -2.836  1.00 10.94 ? 56  GLU A CA  1 
ATOM   443 C C   . GLU A 1 57 ? 13.048  1.781   -2.568  1.00 11.77 ? 56  GLU A C   1 
ATOM   444 O O   . GLU A 1 57 ? 13.901  1.075   -2.008  1.00 12.51 ? 56  GLU A O   1 
ATOM   445 C CB  . GLU A 1 57 ? 11.543  0.776   -4.282  1.00 11.13 ? 56  GLU A CB  1 
ATOM   446 C CG  . GLU A 1 57 ? 12.423  -0.407  -4.590  1.00 11.93 ? 56  GLU A CG  1 
ATOM   447 C CD  . GLU A 1 57 ? 12.428  -0.778  -6.055  1.00 12.80 ? 56  GLU A CD  1 
ATOM   448 O OE1 . GLU A 1 57 ? 13.138  -1.748  -6.379  1.00 15.35 ? 56  GLU A OE1 1 
ATOM   449 O OE2 . GLU A 1 57 ? 11.757  -0.121  -6.893  1.00 11.79 ? 56  GLU A OE2 1 
ATOM   450 O OXT . GLU A 1 57 ? 13.360  2.921   -2.919  1.00 12.35 ? 56  GLU A OXT 1 
HETATM 451 S S   . SO4 B 2 .  ? -1.164  -7.033  -11.137 1.00 20.47 ? 57  SO4 A S   1 
HETATM 452 O O1  . SO4 B 2 .  ? -2.129  -7.800  -11.927 1.00 23.14 ? 57  SO4 A O1  1 
HETATM 453 O O2  . SO4 B 2 .  ? 0.111   -7.017  -11.838 1.00 21.33 ? 57  SO4 A O2  1 
HETATM 454 O O3  . SO4 B 2 .  ? -1.615  -5.652  -10.975 1.00 21.57 ? 57  SO4 A O3  1 
HETATM 455 O O4  . SO4 B 2 .  ? -0.959  -7.678  -9.831  1.00 22.42 ? 57  SO4 A O4  1 
HETATM 456 S S   . SO4 C 2 .  ? -7.506  2.823   10.612  1.00 18.50 ? 58  SO4 A S   1 
HETATM 457 O O1  . SO4 C 2 .  ? -7.065  4.072   9.972   1.00 14.00 ? 58  SO4 A O1  1 
HETATM 458 O O2  . SO4 C 2 .  ? -7.797  1.841   9.509   1.00 17.61 ? 58  SO4 A O2  1 
HETATM 459 O O3  . SO4 C 2 .  ? -6.347  2.447   11.527  1.00 22.35 ? 58  SO4 A O3  1 
HETATM 460 O O4  . SO4 C 2 .  ? -8.754  3.130   11.405  1.00 17.28 ? 58  SO4 A O4  1 
HETATM 461 O O   . HOH D 3 .  ? -3.495  -4.083  -10.532 1.00 21.84 ? 59  HOH A O   1 
HETATM 462 O O   . HOH D 3 .  ? -5.912  3.847   -7.505  1.00 20.51 ? 60  HOH A O   1 
HETATM 463 O O   . HOH D 3 .  ? 13.604  -1.510  -1.356  1.00 12.23 ? 61  HOH A O   1 
HETATM 464 O O   . HOH D 3 .  ? -1.624  11.664  9.519   1.00 16.64 ? 62  HOH A O   1 
HETATM 465 O O   . HOH D 3 .  ? -18.224 1.570   4.413   1.00 28.52 ? 63  HOH A O   1 
HETATM 466 O O   . HOH D 3 .  ? -16.628 2.516   8.456   1.00 20.76 ? 64  HOH A O   1 
HETATM 467 O O   . HOH D 3 .  ? -2.898  13.597  5.304   1.00 23.78 ? 65  HOH A O   1 
HETATM 468 O O   . HOH D 3 .  ? 13.143  3.790   1.042   1.00 22.76 ? 66  HOH A O   1 
HETATM 469 O O   . HOH D 3 .  ? 14.160  6.099   -12.647 1.00 29.19 ? 67  HOH A O   1 
HETATM 470 O O   . HOH D 3 .  ? -4.722  -3.753  -8.020  1.00 27.81 ? 68  HOH A O   1 
HETATM 471 O O   . HOH D 3 .  ? 3.968   9.439   -5.061  1.00 24.80 ? 69  HOH A O   1 
HETATM 472 O O   . HOH D 3 .  ? -7.218  -4.636  -7.502  1.00 31.33 ? 70  HOH A O   1 
HETATM 473 O O   . HOH D 3 .  ? 1.982   6.606   -7.811  1.00 31.95 ? 71  HOH A O   1 
HETATM 474 O O   . HOH D 3 .  ? 1.023   7.130   -10.430 1.00 29.40 ? 72  HOH A O   1 
HETATM 475 O O   . HOH D 3 .  ? 2.295   8.748   9.324   1.00 24.93 ? 73  HOH A O   1 
HETATM 476 O O   . HOH D 3 .  ? 8.804   -13.467 -1.536  1.00 25.79 ? 74  HOH A O   1 
HETATM 477 O O   . HOH D 3 .  ? -1.535  -10.173 11.614  1.00 41.67 ? 75  HOH A O   1 
HETATM 478 O O   . HOH D 3 .  ? 7.391   8.435   -7.208  1.00 33.10 ? 76  HOH A O   1 
HETATM 479 O O   . HOH D 3 .  ? 4.509   6.787   -7.343  1.00 34.81 ? 77  HOH A O   1 
HETATM 480 O O   . HOH D 3 .  ? 1.520   -12.358 -8.367  1.00 32.80 ? 78  HOH A O   1 
HETATM 481 O O   . HOH D 3 .  ? 10.690  -11.877 -0.492  1.00 38.60 ? 79  HOH A O   1 
HETATM 482 O O   . HOH D 3 .  ? 2.150   5.440   -12.452 1.00 20.74 ? 80  HOH A O   1 
HETATM 483 O O   . HOH D 3 .  ? -5.043  14.862  3.626   1.00 31.24 ? 81  HOH A O   1 
HETATM 484 O O   . HOH D 3 .  ? -4.136  -6.095  -7.580  1.00 31.25 ? 82  HOH A O   1 
HETATM 485 O O   . HOH D 3 .  ? -0.543  10.754  -4.337  1.00 29.17 ? 83  HOH A O   1 
HETATM 486 O O   . HOH D 3 .  ? -3.220  9.952   -3.600  1.00 44.04 ? 84  HOH A O   1 
HETATM 487 O O   . HOH D 3 .  ? 11.032  -9.661  -5.845  1.00 32.53 ? 85  HOH A O   1 
HETATM 488 O O   . HOH D 3 .  ? -19.394 -2.053  1.441   1.00 19.46 ? 86  HOH A O   1 
HETATM 489 O O   . HOH D 3 .  ? 14.628  6.651   4.926   1.00 21.76 ? 87  HOH A O   1 
HETATM 490 O O   . HOH D 3 .  ? -16.792 -2.694  1.174   1.00 23.75 ? 88  HOH A O   1 
HETATM 491 O O   . HOH D 3 .  ? -16.611 -3.580  -2.717  1.00 37.39 ? 89  HOH A O   1 
HETATM 492 O O   . HOH D 3 .  ? -4.726  4.582   -5.331  1.00 37.11 ? 90  HOH A O   1 
HETATM 493 O O   . HOH D 3 .  ? -8.058  6.290   9.900   1.00 10.54 ? 91  HOH A O   1 
HETATM 494 O O   . HOH D 3 .  ? 11.073  -0.169  -9.689  1.00 11.45 ? 92  HOH A O   1 
HETATM 495 O O   . HOH D 3 .  ? 9.180   -0.192  6.429   1.00 11.58 ? 93  HOH A O   1 
HETATM 496 O O   . HOH D 3 .  ? -13.188 4.851   3.115   1.00 9.55  ? 94  HOH A O   1 
HETATM 497 O O   . HOH D 3 .  ? -10.741 -0.703  -3.591  1.00 9.07  ? 95  HOH A O   1 
HETATM 498 O O   . HOH D 3 .  ? 7.738   1.050   -4.165  1.00 12.24 ? 96  HOH A O   1 
HETATM 499 O O   . HOH D 3 .  ? 9.400   6.594   -6.896  1.00 11.63 ? 97  HOH A O   1 
HETATM 500 O O   . HOH D 3 .  ? -7.233  13.299  13.106  1.00 15.54 ? 98  HOH A O   1 
HETATM 501 O O   . HOH D 3 .  ? -8.904  6.240   1.516   1.00 12.17 ? 99  HOH A O   1 
HETATM 502 O O   . HOH D 3 .  ? -9.769  1.335   -7.332  1.00 12.05 ? 100 HOH A O   1 
HETATM 503 O O   . HOH D 3 .  ? -9.340  -6.664  1.010   1.00 22.79 ? 101 HOH A O   1 
HETATM 504 O O   . HOH D 3 .  ? 0.253   -10.543 2.970   1.00 15.84 ? 102 HOH A O   1 
HETATM 505 O O   . HOH D 3 .  ? -14.315 -0.871  10.256  1.00 28.81 ? 103 HOH A O   1 
HETATM 506 O O   . HOH D 3 .  ? 9.864   5.029   -14.644 1.00 14.66 ? 104 HOH A O   1 
HETATM 507 O O   . HOH D 3 .  ? 7.262   5.483   2.897   1.00 16.18 ? 105 HOH A O   1 
HETATM 508 O O   . HOH D 3 .  ? -7.663  -6.340  12.548  1.00 24.04 ? 106 HOH A O   1 
HETATM 509 O O   . HOH D 3 .  ? 13.971  3.888   -14.403 1.00 20.11 ? 107 HOH A O   1 
HETATM 510 O O   . HOH D 3 .  ? -11.669 -3.889  13.025  1.00 13.82 ? 108 HOH A O   1 
HETATM 511 O O   . HOH D 3 .  ? -11.890 -6.894  5.758   1.00 16.60 ? 109 HOH A O   1 
HETATM 512 O O   . HOH D 3 .  ? 10.162  -8.510  -3.463  1.00 15.36 ? 110 HOH A O   1 
HETATM 513 O O   . HOH D 3 .  ? -9.370  8.733   7.122   1.00 17.46 ? 111 HOH A O   1 
HETATM 514 O O   . HOH D 3 .  ? 0.198   -3.073  10.612  1.00 24.87 ? 112 HOH A O   1 
HETATM 515 O O   . HOH D 3 .  ? -13.866 -0.533  7.337   1.00 18.66 ? 113 HOH A O   1 
HETATM 516 O O   . HOH D 3 .  ? 0.956   7.376   3.282   1.00 16.19 ? 114 HOH A O   1 
HETATM 517 O O   . HOH D 3 .  ? 4.453   -3.537  8.355   1.00 21.47 ? 115 HOH A O   1 
HETATM 518 O O   . HOH D 3 .  ? 2.770   9.462   0.096   1.00 17.65 ? 116 HOH A O   1 
HETATM 519 O O   . HOH D 3 .  ? -2.332  -7.697  -3.786  1.00 16.96 ? 117 HOH A O   1 
HETATM 520 O O   . HOH D 3 .  ? -3.789  9.711   -0.250  1.00 24.21 ? 118 HOH A O   1 
HETATM 521 O O   . HOH D 3 .  ? -11.390 -4.248  -2.435  1.00 13.36 ? 119 HOH A O   1 
HETATM 522 O O   . HOH D 3 .  ? 6.468   1.687   9.052   1.00 27.47 ? 120 HOH A O   1 
HETATM 523 O O   . HOH D 3 .  ? -1.981  -9.968  -6.107  1.00 18.11 ? 121 HOH A O   1 
HETATM 524 O O   . HOH D 3 .  ? -6.402  -7.912  10.484  1.00 21.77 ? 122 HOH A O   1 
HETATM 525 O O   . HOH D 3 .  ? -4.105  -6.184  -5.068  1.00 22.63 ? 123 HOH A O   1 
HETATM 526 O O   . HOH D 3 .  ? 7.923   7.624   1.202   1.00 15.75 ? 124 HOH A O   1 
HETATM 527 O O   . HOH D 3 .  ? 13.164  -5.090  -4.578  1.00 21.77 ? 125 HOH A O   1 
HETATM 528 O O   . HOH D 3 .  ? 0.888   -9.478  -11.924 1.00 32.30 ? 126 HOH A O   1 
HETATM 529 O O   . HOH D 3 .  ? 0.745   6.141   11.069  1.00 23.93 ? 127 HOH A O   1 
HETATM 530 O O   . HOH D 3 .  ? 3.627   5.027   9.411   1.00 17.77 ? 128 HOH A O   1 
HETATM 531 O O   . HOH D 3 .  ? -13.533 6.282   5.548   1.00 19.87 ? 129 HOH A O   1 
HETATM 532 O O   . HOH D 3 .  ? 15.464  4.255   -1.961  1.00 20.22 ? 130 HOH A O   1 
HETATM 533 O O   . HOH D 3 .  ? 8.998   4.424   7.266   1.00 34.13 ? 131 HOH A O   1 
HETATM 534 O O   . HOH D 3 .  ? -8.773  -2.800  -6.018  1.00 25.05 ? 132 HOH A O   1 
HETATM 535 O O   . HOH D 3 .  ? -4.987  -3.775  -4.227  1.00 23.77 ? 133 HOH A O   1 
HETATM 536 O O   . HOH D 3 .  ? 7.435   6.290   8.233   1.00 23.48 ? 134 HOH A O   1 
HETATM 537 O O   . HOH D 3 .  ? 3.608   -11.629 -2.288  1.00 19.40 ? 135 HOH A O   1 
HETATM 538 O O   . HOH D 3 .  ? -9.797  13.363  10.345  1.00 24.26 ? 136 HOH A O   1 
HETATM 539 O O   . HOH D 3 .  ? -8.011  -5.856  -3.390  1.00 33.62 ? 137 HOH A O   1 
HETATM 540 O O   . HOH D 3 .  ? -3.786  2.769   -10.997 1.00 31.24 ? 138 HOH A O   1 
HETATM 541 O O   . HOH D 3 .  ? 1.574   8.889   -6.596  1.00 32.27 ? 139 HOH A O   1 
HETATM 542 O O   . HOH D 3 .  ? 3.473   -1.089  8.605   1.00 22.65 ? 140 HOH A O   1 
HETATM 543 O O   . HOH D 3 .  ? 11.119  3.230   7.927   1.00 31.07 ? 141 HOH A O   1 
HETATM 544 O O   . HOH D 3 .  ? 2.871   -14.683 -7.809  1.00 32.31 ? 142 HOH A O   1 
HETATM 545 O O   . HOH D 3 .  ? -12.235 1.047   9.260   1.00 30.09 ? 143 HOH A O   1 
HETATM 546 O O   . HOH D 3 .  ? -6.637  -0.566  -8.595  1.00 29.56 ? 144 HOH A O   1 
HETATM 547 O O   . HOH D 3 .  ? -13.435 -6.029  13.357  1.00 23.54 ? 145 HOH A O   1 
HETATM 548 O O   . HOH D 3 .  ? -20.080 0.511   2.762   1.00 17.60 ? 146 HOH A O   1 
HETATM 549 O O   . HOH D 3 .  ? 16.087  -2.135  -5.717  1.00 21.01 ? 147 HOH A O   1 
HETATM 550 O O   . HOH D 3 .  ? -2.719  -8.115  -7.815  1.00 32.79 ? 148 HOH A O   1 
# 
